data_6HMW
#
_entry.id   6HMW
#
_cell.length_a   115.785
_cell.length_b   100.543
_cell.length_c   93.012
_cell.angle_alpha   90.00
_cell.angle_beta   117.00
_cell.angle_gamma   90.00
#
_symmetry.space_group_name_H-M   'C 1 2 1'
#
loop_
_entity.id
_entity.type
_entity.pdbx_description
1 polymer 'Cholera enterotoxin B-subunit'
2 non-polymer 'CALCIUM ION'
3 non-polymer BICINE
4 non-polymer beta-L-fucopyranose
5 water water
#
_entity_poly.entity_id   1
_entity_poly.type   'polypeptide(L)'
_entity_poly.pdbx_seq_one_letter_code
;TPQNITDLCAEYHNTQIHTLNDKIFSYTESLAGKREMAIITFKNGATFQVEVPGSQHIDSQKKAIERMKDTLRIAYLTEA
KVEKLCVWNNKTPHAIAAISMAN
;
_entity_poly.pdbx_strand_id   A,B,C,D,E,F,G,H,I,J
#
loop_
_chem_comp.id
_chem_comp.type
_chem_comp.name
_chem_comp.formula
BCN non-polymer BICINE 'C6 H13 N O4'
CA non-polymer 'CALCIUM ION' 'Ca 2'
FUL L-saccharide, beta linking beta-L-fucopyranose 'C6 H12 O5'
#
# COMPACT_ATOMS: atom_id res chain seq x y z
N THR A 1 22.11 31.20 1.12
CA THR A 1 21.63 29.89 0.71
C THR A 1 20.13 29.89 0.88
N PRO A 2 19.33 29.59 -0.15
CA PRO A 2 17.89 29.75 0.00
C PRO A 2 17.28 28.76 1.00
N GLN A 3 16.15 29.16 1.59
CA GLN A 3 15.38 28.41 2.55
C GLN A 3 14.15 27.76 1.91
N ASN A 4 13.87 28.07 0.65
CA ASN A 4 12.68 27.59 -0.04
C ASN A 4 12.88 27.74 -1.55
N ILE A 5 12.00 27.06 -2.32
CA ILE A 5 12.05 27.01 -3.75
C ILE A 5 11.93 28.42 -4.35
N THR A 6 11.15 29.30 -3.72
CA THR A 6 10.83 30.60 -4.28
C THR A 6 12.08 31.49 -4.26
N ASP A 7 12.75 31.53 -3.08
CA ASP A 7 14.02 32.24 -2.90
C ASP A 7 15.15 31.71 -3.79
N LEU A 8 15.20 30.38 -3.99
CA LEU A 8 16.21 29.78 -4.82
C LEU A 8 15.96 30.16 -6.30
N CYS A 9 14.68 30.01 -6.76
CA CYS A 9 14.25 30.40 -8.11
C CYS A 9 14.66 31.85 -8.40
N ALA A 10 14.40 32.79 -7.46
CA ALA A 10 14.69 34.21 -7.68
C ALA A 10 16.20 34.48 -7.83
N GLU A 11 17.08 33.48 -7.72
CA GLU A 11 18.51 33.72 -7.81
C GLU A 11 19.00 33.63 -9.26
N TYR A 12 18.17 33.09 -10.17
CA TYR A 12 18.58 32.81 -11.53
C TYR A 12 17.78 33.70 -12.48
N HIS A 13 18.38 33.94 -13.65
CA HIS A 13 17.71 34.61 -14.77
C HIS A 13 16.83 33.62 -15.53
N ASN A 14 15.77 34.13 -16.15
CA ASN A 14 14.89 33.38 -17.02
C ASN A 14 14.23 32.21 -16.24
N THR A 15 13.87 32.44 -14.99
CA THR A 15 13.17 31.43 -14.21
C THR A 15 11.81 31.98 -13.78
N GLN A 16 10.88 31.09 -13.46
CA GLN A 16 9.66 31.53 -12.79
C GLN A 16 9.16 30.40 -11.88
N ILE A 17 8.35 30.77 -10.87
CA ILE A 17 7.58 29.78 -10.09
C ILE A 17 6.27 29.50 -10.83
N HIS A 18 5.92 28.22 -10.97
CA HIS A 18 4.57 27.77 -11.14
C HIS A 18 4.09 27.16 -9.82
N THR A 19 2.90 27.59 -9.38
CA THR A 19 2.22 27.00 -8.26
C THR A 19 1.12 26.09 -8.78
N LEU A 20 1.33 24.78 -8.67
CA LEU A 20 0.44 23.76 -9.19
C LEU A 20 -0.54 23.29 -8.09
N ASN A 21 -0.03 23.06 -6.87
CA ASN A 21 -0.77 22.41 -5.78
C ASN A 21 -1.60 21.23 -6.32
N ASP A 22 -0.99 20.33 -7.08
CA ASP A 22 -1.74 19.22 -7.71
C ASP A 22 -0.76 18.06 -7.97
N LYS A 23 -1.29 16.85 -8.06
CA LYS A 23 -0.52 15.72 -8.49
C LYS A 23 -0.26 15.81 -10.01
N ILE A 24 0.82 15.18 -10.47
CA ILE A 24 1.20 15.01 -11.92
C ILE A 24 0.12 14.17 -12.62
N PHE A 25 -0.43 14.72 -13.72
CA PHE A 25 -1.44 14.05 -14.52
C PHE A 25 -0.81 12.97 -15.41
N SER A 26 0.26 13.28 -16.15
CA SER A 26 0.89 12.31 -17.06
C SER A 26 2.41 12.36 -16.88
N TYR A 27 3.04 11.18 -17.00
CA TYR A 27 4.50 11.09 -16.98
C TYR A 27 4.96 10.35 -18.23
N THR A 28 5.89 10.97 -18.97
CA THR A 28 6.42 10.43 -20.20
C THR A 28 7.95 10.42 -20.14
N GLU A 29 8.55 9.28 -20.49
CA GLU A 29 9.98 9.11 -20.50
C GLU A 29 10.43 8.53 -21.84
N SER A 30 11.58 9.01 -22.34
CA SER A 30 12.16 8.51 -23.59
C SER A 30 13.62 8.08 -23.37
N LEU A 31 13.96 6.90 -23.94
CA LEU A 31 15.35 6.44 -24.09
C LEU A 31 15.98 6.77 -25.44
N ALA A 32 15.25 7.39 -26.38
CA ALA A 32 15.70 7.55 -27.77
C ALA A 32 16.88 8.54 -27.90
N GLY A 33 17.79 8.23 -28.82
CA GLY A 33 19.01 9.03 -29.17
C GLY A 33 18.72 10.51 -29.25
N LYS A 34 19.32 11.29 -28.32
CA LYS A 34 19.29 12.80 -28.26
C LYS A 34 17.92 13.27 -27.73
N ARG A 35 17.10 12.33 -27.22
CA ARG A 35 15.76 12.63 -26.64
C ARG A 35 15.59 11.85 -25.33
N GLU A 36 16.70 11.77 -24.59
CA GLU A 36 16.76 11.16 -23.28
C GLU A 36 16.19 12.14 -22.24
N MET A 37 14.86 12.12 -22.03
CA MET A 37 14.14 13.16 -21.30
C MET A 37 12.88 12.59 -20.63
N ALA A 38 12.35 13.36 -19.67
CA ALA A 38 11.00 13.12 -19.16
C ALA A 38 10.18 14.37 -19.46
N ILE A 39 8.88 14.20 -19.49
CA ILE A 39 7.91 15.27 -19.66
C ILE A 39 6.74 15.01 -18.72
N ILE A 40 6.30 16.00 -17.98
CA ILE A 40 5.16 15.77 -17.14
C ILE A 40 4.11 16.82 -17.51
N THR A 41 2.84 16.47 -17.34
CA THR A 41 1.73 17.45 -17.52
C THR A 41 0.83 17.44 -16.28
N PHE A 42 0.15 18.57 -16.08
CA PHE A 42 -0.82 18.70 -15.07
C PHE A 42 -2.16 18.90 -15.77
N LYS A 43 -3.26 18.68 -15.02
CA LYS A 43 -4.62 18.78 -15.51
C LYS A 43 -4.94 20.20 -16.05
N ASN A 44 -4.27 21.23 -15.51
CA ASN A 44 -4.47 22.60 -15.94
C ASN A 44 -3.74 22.87 -17.29
N GLY A 45 -3.16 21.83 -17.88
CA GLY A 45 -2.58 21.97 -19.21
C GLY A 45 -1.07 22.21 -19.20
N ALA A 46 -0.48 22.59 -18.07
CA ALA A 46 0.96 22.93 -18.00
C ALA A 46 1.82 21.67 -18.25
N THR A 47 2.82 21.82 -19.14
CA THR A 47 3.67 20.76 -19.61
C THR A 47 5.12 21.16 -19.32
N PHE A 48 5.90 20.24 -18.76
CA PHE A 48 7.30 20.56 -18.36
C PHE A 48 8.26 19.45 -18.77
N GLN A 49 9.51 19.82 -19.03
CA GLN A 49 10.53 18.84 -19.34
C GLN A 49 11.58 18.81 -18.22
N VAL A 50 12.23 17.67 -18.14
CA VAL A 50 13.61 17.63 -17.69
C VAL A 50 14.53 17.58 -18.92
N GLU A 51 15.39 18.58 -19.03
CA GLU A 51 16.34 18.74 -20.12
C GLU A 51 17.02 17.40 -20.45
N VAL A 52 17.26 17.23 -21.75
CA VAL A 52 18.23 16.26 -22.27
C VAL A 52 19.64 16.56 -21.77
N PRO A 53 20.36 15.60 -21.12
CA PRO A 53 21.73 15.84 -20.66
C PRO A 53 22.69 15.77 -21.85
N GLY A 54 23.74 16.56 -21.84
CA GLY A 54 24.64 16.50 -22.96
C GLY A 54 26.00 16.99 -22.58
N SER A 55 26.87 17.15 -23.59
CA SER A 55 28.25 17.58 -23.43
C SER A 55 28.40 18.95 -22.70
N GLN A 56 27.33 19.76 -22.72
N GLN A 56 27.39 19.82 -22.72
CA GLN A 56 27.27 21.12 -22.11
CA GLN A 56 27.55 21.11 -22.00
C GLN A 56 26.99 21.07 -20.59
C GLN A 56 27.45 20.87 -20.49
N HIS A 57 26.65 19.90 -20.05
CA HIS A 57 26.41 19.70 -18.61
C HIS A 57 27.65 19.11 -17.93
N ILE A 58 28.09 19.76 -16.84
CA ILE A 58 29.02 19.13 -15.84
C ILE A 58 28.28 18.03 -15.06
N ASP A 59 29.08 17.10 -14.52
CA ASP A 59 28.71 15.84 -13.86
C ASP A 59 27.70 16.13 -12.73
N SER A 60 27.95 17.19 -11.95
CA SER A 60 27.08 17.63 -10.86
C SER A 60 25.67 17.89 -11.43
N GLN A 61 25.64 18.50 -12.61
CA GLN A 61 24.42 18.84 -13.32
C GLN A 61 23.79 17.56 -13.89
N LYS A 62 24.64 16.70 -14.48
CA LYS A 62 24.19 15.44 -15.05
C LYS A 62 23.56 14.53 -13.99
N LYS A 63 24.19 14.45 -12.80
CA LYS A 63 23.69 13.69 -11.63
C LYS A 63 22.35 14.22 -11.18
N ALA A 64 22.24 15.56 -11.05
CA ALA A 64 21.06 16.19 -10.53
C ALA A 64 19.92 16.06 -11.54
N ILE A 65 20.24 15.98 -12.83
CA ILE A 65 19.19 15.67 -13.88
C ILE A 65 18.66 14.25 -13.71
N GLU A 66 19.54 13.27 -13.48
CA GLU A 66 19.04 11.84 -13.29
C GLU A 66 18.16 11.78 -12.00
N ARG A 67 18.57 12.46 -10.92
CA ARG A 67 17.79 12.48 -9.69
C ARG A 67 16.41 13.06 -9.95
N MET A 68 16.32 14.26 -10.58
CA MET A 68 15.02 14.85 -10.94
C MET A 68 14.11 13.86 -11.67
N LYS A 69 14.63 13.12 -12.64
CA LYS A 69 13.74 12.14 -13.33
C LYS A 69 13.28 11.02 -12.38
N ASP A 70 14.16 10.59 -11.45
CA ASP A 70 13.79 9.63 -10.36
C ASP A 70 12.64 10.18 -9.51
N THR A 71 12.73 11.46 -9.15
CA THR A 71 11.79 12.16 -8.33
C THR A 71 10.46 12.26 -9.05
N LEU A 72 10.49 12.65 -10.33
CA LEU A 72 9.21 12.88 -11.02
C LEU A 72 8.46 11.55 -11.18
N ARG A 73 9.20 10.48 -11.49
CA ARG A 73 8.59 9.14 -11.65
C ARG A 73 7.88 8.73 -10.35
N ILE A 74 8.59 8.80 -9.23
CA ILE A 74 8.04 8.27 -7.99
C ILE A 74 6.95 9.20 -7.47
N ALA A 75 7.07 10.51 -7.71
CA ALA A 75 6.03 11.44 -7.33
C ALA A 75 4.76 11.15 -8.13
N TYR A 76 4.92 10.79 -9.39
CA TYR A 76 3.76 10.44 -10.25
C TYR A 76 3.06 9.20 -9.66
N LEU A 77 3.85 8.16 -9.33
CA LEU A 77 3.31 6.84 -9.06
C LEU A 77 2.74 6.79 -7.64
N THR A 78 3.11 7.74 -6.78
CA THR A 78 2.59 7.90 -5.45
C THR A 78 1.46 8.94 -5.37
N GLU A 79 1.11 9.54 -6.50
CA GLU A 79 0.17 10.66 -6.58
C GLU A 79 0.54 11.78 -5.58
N ALA A 80 1.82 12.12 -5.46
CA ALA A 80 2.25 13.15 -4.56
C ALA A 80 1.86 14.54 -5.10
N LYS A 81 1.33 15.40 -4.25
CA LYS A 81 0.94 16.70 -4.66
C LYS A 81 2.22 17.53 -4.78
N VAL A 82 2.42 18.10 -5.97
CA VAL A 82 3.44 19.07 -6.24
C VAL A 82 2.92 20.45 -5.84
N GLU A 83 3.65 21.12 -4.94
CA GLU A 83 3.32 22.46 -4.56
C GLU A 83 3.72 23.40 -5.74
N LYS A 84 5.04 23.56 -5.92
CA LYS A 84 5.60 24.45 -6.93
C LYS A 84 6.66 23.78 -7.77
N LEU A 85 6.82 24.35 -8.98
CA LEU A 85 7.98 24.15 -9.80
C LEU A 85 8.70 25.49 -9.96
N CYS A 86 10.03 25.47 -9.83
CA CYS A 86 10.93 26.51 -10.42
C CYS A 86 11.43 26.01 -11.78
N VAL A 87 11.13 26.74 -12.85
CA VAL A 87 11.44 26.33 -14.20
C VAL A 87 12.16 27.46 -14.93
N TRP A 88 12.95 27.08 -15.92
CA TRP A 88 13.47 28.06 -16.90
C TRP A 88 12.37 28.30 -17.95
N ASN A 89 11.94 29.54 -18.15
CA ASN A 89 10.79 29.73 -19.02
C ASN A 89 11.21 30.23 -20.42
N ASN A 90 12.50 30.21 -20.74
CA ASN A 90 13.01 30.52 -22.09
C ASN A 90 13.18 29.23 -22.90
N LYS A 91 12.57 28.11 -22.42
CA LYS A 91 12.62 26.84 -23.12
C LYS A 91 11.19 26.39 -23.45
N THR A 92 11.05 25.52 -24.45
CA THR A 92 9.78 24.95 -24.74
C THR A 92 9.92 23.45 -24.83
N PRO A 93 9.17 22.71 -24.00
CA PRO A 93 8.41 23.21 -22.86
C PRO A 93 9.35 23.70 -21.75
N HIS A 94 8.79 24.42 -20.77
CA HIS A 94 9.59 24.97 -19.65
C HIS A 94 10.34 23.78 -19.03
N ALA A 95 11.55 24.05 -18.57
CA ALA A 95 12.47 23.06 -18.10
C ALA A 95 12.64 23.21 -16.58
N ILE A 96 12.46 22.09 -15.87
CA ILE A 96 12.38 22.11 -14.43
C ILE A 96 13.79 22.40 -13.89
N ALA A 97 13.90 23.38 -13.01
CA ALA A 97 15.07 23.64 -12.18
C ALA A 97 14.90 23.06 -10.77
N ALA A 98 13.67 23.08 -10.25
CA ALA A 98 13.41 22.70 -8.88
C ALA A 98 11.94 22.32 -8.75
N ILE A 99 11.68 21.43 -7.79
CA ILE A 99 10.32 20.97 -7.45
C ILE A 99 10.22 21.08 -5.94
N SER A 100 9.02 21.38 -5.47
CA SER A 100 8.68 21.31 -4.04
C SER A 100 7.41 20.45 -3.87
N MET A 101 7.38 19.67 -2.79
CA MET A 101 6.21 18.89 -2.40
C MET A 101 5.92 19.12 -0.92
N ALA A 102 4.66 19.44 -0.67
CA ALA A 102 4.11 19.59 0.65
C ALA A 102 2.65 19.18 0.55
N ASN A 103 2.15 18.42 1.53
CA ASN A 103 0.77 18.01 1.49
C ASN A 103 0.52 16.97 2.60
N THR B 1 34.03 3.75 17.07
CA THR B 1 32.87 3.84 16.14
C THR B 1 31.59 4.03 16.97
N PRO B 2 30.81 5.07 16.62
CA PRO B 2 29.62 5.40 17.39
C PRO B 2 28.53 4.35 17.13
N GLN B 3 27.62 4.24 18.09
CA GLN B 3 26.54 3.30 17.99
C GLN B 3 25.21 4.00 17.78
N ASN B 4 25.15 5.32 17.78
CA ASN B 4 23.88 6.02 17.60
C ASN B 4 24.18 7.41 17.03
N ILE B 5 23.16 8.06 16.49
CA ILE B 5 23.26 9.41 15.86
C ILE B 5 23.83 10.49 16.81
N THR B 6 23.48 10.42 18.09
CA THR B 6 23.91 11.42 19.07
C THR B 6 25.41 11.30 19.32
N ASP B 7 25.93 10.07 19.45
CA ASP B 7 27.36 9.92 19.73
C ASP B 7 28.18 10.21 18.46
N LEU B 8 27.63 9.92 17.29
CA LEU B 8 28.25 10.23 16.03
C LEU B 8 28.35 11.75 15.90
N CYS B 9 27.23 12.45 16.16
CA CYS B 9 27.13 13.93 16.08
C CYS B 9 28.13 14.64 17.02
N ALA B 10 28.27 14.07 18.22
CA ALA B 10 29.17 14.57 19.25
C ALA B 10 30.65 14.51 18.83
N GLU B 11 30.99 13.75 17.79
CA GLU B 11 32.41 13.64 17.33
C GLU B 11 32.84 14.88 16.50
N TYR B 12 31.95 15.84 16.24
CA TYR B 12 32.18 16.91 15.27
C TYR B 12 32.02 18.29 15.92
N HIS B 13 32.81 19.23 15.40
CA HIS B 13 32.68 20.60 15.74
C HIS B 13 31.49 21.17 14.98
N ASN B 14 30.81 22.12 15.64
CA ASN B 14 29.70 22.88 15.12
C ASN B 14 28.58 21.96 14.63
N THR B 15 28.18 20.96 15.41
CA THR B 15 26.98 20.22 15.14
C THR B 15 26.07 20.21 16.36
N GLN B 16 24.79 19.87 16.14
CA GLN B 16 23.82 19.67 17.22
C GLN B 16 22.78 18.67 16.74
N ILE B 17 22.11 18.03 17.69
CA ILE B 17 20.99 17.13 17.44
C ILE B 17 19.73 17.97 17.44
N HIS B 18 18.88 17.78 16.43
CA HIS B 18 17.50 18.16 16.48
C HIS B 18 16.69 16.91 16.76
N THR B 19 15.77 16.97 17.71
CA THR B 19 14.82 15.90 17.99
C THR B 19 13.45 16.29 17.43
N LEU B 20 13.02 15.61 16.36
CA LEU B 20 11.83 15.99 15.60
C LEU B 20 10.65 15.10 16.00
N ASN B 21 10.85 13.78 15.95
CA ASN B 21 9.78 12.78 16.20
C ASN B 21 8.52 13.15 15.40
N ASP B 22 8.69 13.47 14.13
CA ASP B 22 7.62 13.91 13.22
C ASP B 22 8.02 13.53 11.80
N LYS B 23 7.04 13.34 10.90
CA LYS B 23 7.26 13.18 9.51
CA LYS B 23 7.36 13.16 9.53
C LYS B 23 7.71 14.52 8.91
N ILE B 24 8.29 14.45 7.70
CA ILE B 24 8.68 15.61 6.93
C ILE B 24 7.43 16.29 6.39
N PHE B 25 7.37 17.61 6.56
CA PHE B 25 6.29 18.40 6.09
C PHE B 25 6.49 18.78 4.60
N SER B 26 7.71 19.10 4.18
CA SER B 26 7.95 19.39 2.75
C SER B 26 9.33 18.92 2.32
N TYR B 27 9.42 18.56 1.04
CA TYR B 27 10.61 18.09 0.34
C TYR B 27 10.78 18.93 -0.92
N THR B 28 11.93 19.56 -1.03
CA THR B 28 12.24 20.41 -2.12
C THR B 28 13.59 19.95 -2.67
N GLU B 29 13.71 20.00 -4.00
CA GLU B 29 14.86 19.46 -4.70
C GLU B 29 15.13 20.37 -5.88
N SER B 30 16.41 20.77 -5.98
CA SER B 30 16.93 21.61 -7.05
C SER B 30 18.05 20.93 -7.81
N LEU B 31 18.04 21.04 -9.15
CA LEU B 31 19.19 20.67 -10.06
C LEU B 31 19.84 21.94 -10.59
N ALA B 32 19.44 23.10 -10.10
CA ALA B 32 19.94 24.34 -10.70
C ALA B 32 21.44 24.43 -10.45
N GLY B 33 22.22 24.78 -11.48
CA GLY B 33 23.69 24.93 -11.35
C GLY B 33 24.09 25.70 -10.09
N LYS B 34 24.94 25.05 -9.28
CA LYS B 34 25.51 25.56 -7.98
C LYS B 34 24.47 25.58 -6.85
N ARG B 35 23.28 24.99 -7.06
CA ARG B 35 22.27 24.79 -5.99
C ARG B 35 21.65 23.42 -6.15
N GLU B 36 22.50 22.42 -6.40
CA GLU B 36 22.11 21.02 -6.51
C GLU B 36 22.00 20.51 -5.08
N MET B 37 20.80 20.60 -4.54
CA MET B 37 20.54 20.48 -3.11
C MET B 37 19.07 20.05 -2.89
N ALA B 38 18.84 19.57 -1.66
CA ALA B 38 17.51 19.33 -1.15
C ALA B 38 17.31 20.20 0.07
N ILE B 39 16.07 20.63 0.24
CA ILE B 39 15.61 21.34 1.41
C ILE B 39 14.32 20.65 1.92
N ILE B 40 14.28 20.34 3.23
CA ILE B 40 13.11 19.80 3.90
C ILE B 40 12.67 20.73 5.01
N THR B 41 11.40 20.62 5.39
CA THR B 41 10.90 21.31 6.52
C THR B 41 10.03 20.37 7.34
N PHE B 42 9.88 20.73 8.60
CA PHE B 42 8.88 20.15 9.53
C PHE B 42 7.83 21.21 9.84
N LYS B 43 6.64 20.76 10.26
CA LYS B 43 5.49 21.67 10.52
C LYS B 43 5.80 22.62 11.69
N ASN B 44 6.63 22.20 12.65
CA ASN B 44 7.10 23.09 13.75
C ASN B 44 7.72 24.41 13.23
N GLY B 45 8.25 24.44 12.01
CA GLY B 45 8.92 25.62 11.44
C GLY B 45 10.34 25.34 10.96
N ALA B 46 10.86 24.14 11.22
CA ALA B 46 12.29 23.86 11.08
C ALA B 46 12.62 23.61 9.61
N THR B 47 13.73 24.21 9.17
CA THR B 47 14.21 24.11 7.79
C THR B 47 15.65 23.58 7.80
N PHE B 48 15.91 22.56 6.98
CA PHE B 48 17.23 21.98 6.84
C PHE B 48 17.60 21.72 5.38
N GLN B 49 18.90 21.80 5.10
CA GLN B 49 19.42 21.51 3.76
C GLN B 49 20.29 20.23 3.77
N VAL B 50 20.31 19.52 2.62
CA VAL B 50 21.50 18.77 2.18
C VAL B 50 22.32 19.69 1.29
N GLU B 51 23.56 19.97 1.71
CA GLU B 51 24.44 20.94 1.11
C GLU B 51 24.78 20.50 -0.31
N VAL B 52 24.88 21.50 -1.20
CA VAL B 52 25.61 21.37 -2.50
C VAL B 52 26.96 20.75 -2.20
N PRO B 53 27.32 19.64 -2.90
CA PRO B 53 28.65 19.07 -2.80
C PRO B 53 29.70 20.15 -3.11
N GLY B 54 30.66 20.32 -2.21
CA GLY B 54 31.59 21.40 -2.33
C GLY B 54 32.93 21.10 -1.73
N SER B 55 33.69 22.17 -1.53
CA SER B 55 35.09 22.13 -1.14
C SER B 55 35.28 21.53 0.25
N GLN B 56 34.29 21.70 1.11
CA GLN B 56 34.32 21.25 2.51
C GLN B 56 34.10 19.72 2.59
N HIS B 57 33.71 19.12 1.47
CA HIS B 57 33.28 17.71 1.40
C HIS B 57 34.41 16.84 0.83
N ILE B 58 34.74 15.77 1.54
CA ILE B 58 35.75 14.80 1.13
C ILE B 58 35.09 13.72 0.27
N ASP B 59 35.92 12.97 -0.44
CA ASP B 59 35.55 11.97 -1.45
C ASP B 59 34.38 11.08 -1.01
N SER B 60 34.51 10.42 0.14
CA SER B 60 33.50 9.44 0.63
C SER B 60 32.14 10.08 0.85
N GLN B 61 32.13 11.38 1.14
CA GLN B 61 30.90 12.06 1.43
C GLN B 61 30.04 12.26 0.18
N LYS B 62 30.62 12.20 -1.04
CA LYS B 62 29.87 12.56 -2.25
C LYS B 62 28.74 11.53 -2.48
N LYS B 63 29.09 10.25 -2.43
CA LYS B 63 28.13 9.19 -2.53
C LYS B 63 27.08 9.25 -1.43
N ALA B 64 27.51 9.56 -0.20
CA ALA B 64 26.64 9.53 0.96
C ALA B 64 25.68 10.70 0.87
N ILE B 65 26.12 11.83 0.34
CA ILE B 65 25.22 12.98 0.10
C ILE B 65 24.11 12.53 -0.89
N GLU B 66 24.47 11.82 -1.96
CA GLU B 66 23.49 11.28 -2.90
C GLU B 66 22.48 10.36 -2.17
N ARG B 67 22.98 9.44 -1.35
CA ARG B 67 22.12 8.50 -0.65
C ARG B 67 21.19 9.27 0.27
N MET B 68 21.71 10.31 0.95
CA MET B 68 20.96 11.06 1.93
C MET B 68 19.75 11.74 1.25
N LYS B 69 19.94 12.35 0.06
CA LYS B 69 18.80 12.93 -0.67
C LYS B 69 17.78 11.85 -1.08
N ASP B 70 18.25 10.63 -1.38
CA ASP B 70 17.40 9.49 -1.66
C ASP B 70 16.56 9.16 -0.42
N THR B 71 17.21 9.08 0.73
CA THR B 71 16.56 8.72 1.95
C THR B 71 15.52 9.79 2.33
N LEU B 72 15.87 11.08 2.15
CA LEU B 72 14.89 12.10 2.55
C LEU B 72 13.68 12.08 1.61
N ARG B 73 13.91 11.85 0.32
CA ARG B 73 12.79 11.74 -0.64
C ARG B 73 11.84 10.62 -0.21
N ILE B 74 12.34 9.38 -0.06
CA ILE B 74 11.49 8.25 0.22
CA ILE B 74 11.50 8.25 0.23
C ILE B 74 10.88 8.38 1.63
N ALA B 75 11.61 9.00 2.59
CA ALA B 75 11.01 9.31 3.94
C ALA B 75 9.75 10.18 3.80
N TYR B 76 9.88 11.20 2.97
CA TYR B 76 8.79 12.12 2.75
C TYR B 76 7.62 11.36 2.17
N LEU B 77 7.87 10.61 1.09
CA LEU B 77 6.82 9.96 0.34
C LEU B 77 6.17 8.85 1.16
N THR B 78 6.90 8.29 2.14
CA THR B 78 6.33 7.24 2.98
C THR B 78 5.77 7.76 4.32
N GLU B 79 5.81 9.08 4.58
CA GLU B 79 5.43 9.69 5.82
C GLU B 79 6.19 8.99 6.95
N ALA B 80 7.43 8.62 6.70
CA ALA B 80 8.27 7.95 7.77
C ALA B 80 8.56 9.00 8.87
N LYS B 81 8.36 8.63 10.12
CA LYS B 81 8.69 9.48 11.21
C LYS B 81 10.21 9.67 11.29
N VAL B 82 10.68 10.92 11.32
CA VAL B 82 12.08 11.21 11.57
C VAL B 82 12.26 11.40 13.06
N GLU B 83 13.20 10.67 13.64
CA GLU B 83 13.49 10.77 15.05
C GLU B 83 14.40 11.99 15.30
N LYS B 84 15.66 11.90 14.86
CA LYS B 84 16.63 12.98 15.02
C LYS B 84 17.33 13.30 13.70
N LEU B 85 17.84 14.52 13.64
CA LEU B 85 18.85 14.93 12.69
C LEU B 85 20.07 15.38 13.46
N CYS B 86 21.26 14.92 13.01
CA CYS B 86 22.51 15.63 13.25
C CYS B 86 22.75 16.71 12.16
N VAL B 87 23.04 17.95 12.57
CA VAL B 87 23.22 19.04 11.63
C VAL B 87 24.41 19.91 12.04
N TRP B 88 25.01 20.54 11.03
CA TRP B 88 25.93 21.67 11.22
C TRP B 88 25.08 22.94 11.39
N ASN B 89 25.28 23.59 12.51
CA ASN B 89 24.54 24.73 12.90
C ASN B 89 25.35 26.01 12.60
N ASN B 90 26.40 25.90 11.79
CA ASN B 90 27.11 27.09 11.29
C ASN B 90 26.77 27.33 9.81
N LYS B 91 25.73 26.66 9.33
CA LYS B 91 25.14 26.87 8.02
C LYS B 91 23.69 27.37 8.20
N THR B 92 23.23 28.24 7.30
CA THR B 92 21.80 28.56 7.20
C THR B 92 21.31 28.24 5.80
N PRO B 93 20.27 27.40 5.68
CA PRO B 93 19.69 26.66 6.77
C PRO B 93 20.70 25.61 7.25
N HIS B 94 20.42 25.06 8.45
CA HIS B 94 21.27 24.10 9.09
C HIS B 94 21.45 22.89 8.15
N ALA B 95 22.68 22.38 8.06
CA ALA B 95 23.04 21.37 7.09
C ALA B 95 22.98 19.96 7.74
N ILE B 96 22.30 19.01 7.08
CA ILE B 96 22.18 17.61 7.57
C ILE B 96 23.49 16.83 7.41
N ALA B 97 23.94 16.22 8.52
CA ALA B 97 25.05 15.25 8.63
C ALA B 97 24.54 13.82 8.75
N ALA B 98 23.41 13.63 9.42
CA ALA B 98 22.92 12.30 9.73
C ALA B 98 21.44 12.37 10.13
N ILE B 99 20.77 11.25 9.91
CA ILE B 99 19.37 11.13 10.12
C ILE B 99 19.12 9.82 10.86
N SER B 100 18.18 9.80 11.81
CA SER B 100 17.65 8.55 12.38
C SER B 100 16.13 8.46 12.28
N MET B 101 15.63 7.26 12.04
CA MET B 101 14.20 6.96 11.93
C MET B 101 13.91 5.77 12.84
N ALA B 102 12.84 5.91 13.62
CA ALA B 102 12.26 4.89 14.49
C ALA B 102 10.76 5.14 14.52
N ASN B 103 9.97 4.12 14.87
CA ASN B 103 8.62 4.50 15.15
C ASN B 103 7.85 3.35 15.76
N THR C 1 30.20 -23.20 -3.58
CA THR C 1 29.47 -21.89 -3.52
C THR C 1 28.35 -22.08 -2.49
N PRO C 2 28.13 -21.13 -1.55
CA PRO C 2 27.14 -21.32 -0.50
C PRO C 2 25.68 -21.12 -0.94
N GLN C 3 24.78 -21.92 -0.36
CA GLN C 3 23.35 -21.98 -0.67
C GLN C 3 22.54 -21.19 0.37
N ASN C 4 23.15 -20.78 1.49
CA ASN C 4 22.49 -20.04 2.52
C ASN C 4 23.50 -19.22 3.34
N ILE C 5 22.93 -18.34 4.16
CA ILE C 5 23.69 -17.34 4.91
C ILE C 5 24.60 -18.04 5.94
N THR C 6 24.17 -19.15 6.51
CA THR C 6 25.00 -19.86 7.52
C THR C 6 26.31 -20.34 6.88
N ASP C 7 26.20 -20.91 5.68
CA ASP C 7 27.33 -21.53 5.03
C ASP C 7 28.33 -20.48 4.53
N LEU C 8 27.80 -19.36 4.01
CA LEU C 8 28.56 -18.18 3.62
C LEU C 8 29.29 -17.59 4.82
N CYS C 9 28.57 -17.44 5.95
CA CYS C 9 29.13 -16.92 7.18
C CYS C 9 30.29 -17.81 7.69
N ALA C 10 30.22 -19.12 7.44
CA ALA C 10 31.19 -20.10 7.98
C ALA C 10 32.54 -19.99 7.26
N GLU C 11 32.60 -19.28 6.13
CA GLU C 11 33.84 -19.17 5.34
C GLU C 11 34.76 -18.08 5.85
N TYR C 12 34.29 -17.15 6.70
CA TYR C 12 35.07 -16.04 7.16
C TYR C 12 35.47 -16.26 8.63
N HIS C 13 36.64 -15.76 9.00
CA HIS C 13 37.05 -15.68 10.40
C HIS C 13 36.28 -14.56 11.14
N ASN C 14 36.15 -14.73 12.45
CA ASN C 14 35.59 -13.74 13.33
C ASN C 14 34.16 -13.37 12.91
N THR C 15 33.40 -14.34 12.37
CA THR C 15 32.02 -14.05 12.08
C THR C 15 31.11 -14.88 12.99
N GLN C 16 29.87 -14.45 13.08
CA GLN C 16 28.84 -15.22 13.67
C GLN C 16 27.49 -14.81 13.07
N ILE C 17 26.52 -15.73 13.20
CA ILE C 17 25.11 -15.54 12.84
C ILE C 17 24.35 -15.03 14.05
N HIS C 18 23.41 -14.11 13.82
CA HIS C 18 22.40 -13.74 14.77
C HIS C 18 21.07 -14.08 14.09
N THR C 19 20.19 -14.76 14.81
CA THR C 19 18.85 -15.05 14.41
C THR C 19 17.97 -14.04 15.12
N LEU C 20 17.36 -13.15 14.37
CA LEU C 20 16.58 -12.03 14.87
C LEU C 20 15.09 -12.33 14.69
N ASN C 21 14.70 -12.77 13.48
CA ASN C 21 13.27 -12.96 13.10
C ASN C 21 12.46 -11.81 13.65
N ASP C 22 12.86 -10.61 13.25
CA ASP C 22 12.17 -9.38 13.62
C ASP C 22 12.45 -8.31 12.56
N LYS C 23 11.55 -7.34 12.47
CA LYS C 23 11.66 -6.09 11.70
C LYS C 23 12.65 -5.12 12.37
N ILE C 24 13.25 -4.28 11.55
CA ILE C 24 14.20 -3.30 12.05
C ILE C 24 13.47 -2.24 12.87
N PHE C 25 14.02 -1.90 14.04
CA PHE C 25 13.43 -0.95 14.98
C PHE C 25 13.84 0.49 14.63
N SER C 26 15.10 0.67 14.25
CA SER C 26 15.59 1.98 13.91
C SER C 26 16.65 1.84 12.82
N TYR C 27 16.69 2.89 11.98
CA TYR C 27 17.59 3.05 10.85
C TYR C 27 18.21 4.43 10.96
N THR C 28 19.54 4.47 10.99
CA THR C 28 20.30 5.68 11.08
C THR C 28 21.31 5.70 9.94
N GLU C 29 21.49 6.86 9.29
CA GLU C 29 22.53 7.00 8.25
C GLU C 29 23.20 8.37 8.36
N SER C 30 24.47 8.41 7.94
CA SER C 30 25.36 9.50 8.12
C SER C 30 26.12 9.80 6.85
N LEU C 31 26.30 11.08 6.51
CA LEU C 31 27.21 11.53 5.43
C LEU C 31 28.39 12.32 6.02
N ALA C 32 28.46 12.41 7.37
CA ALA C 32 29.57 13.11 8.01
C ALA C 32 30.87 12.40 7.62
N GLY C 33 31.91 13.21 7.38
CA GLY C 33 33.14 12.72 6.82
C GLY C 33 33.79 11.67 7.72
N LYS C 34 34.20 10.53 7.14
CA LYS C 34 34.81 9.35 7.80
C LYS C 34 33.80 8.62 8.70
N ARG C 35 32.51 8.96 8.62
CA ARG C 35 31.44 8.19 9.29
C ARG C 35 30.27 8.03 8.30
N GLU C 36 30.64 7.76 7.05
CA GLU C 36 29.68 7.43 5.98
C GLU C 36 29.26 5.96 6.20
N MET C 37 28.21 5.77 6.99
CA MET C 37 27.80 4.45 7.48
C MET C 37 26.30 4.45 7.77
N ALA C 38 25.73 3.26 7.87
CA ALA C 38 24.44 3.07 8.48
C ALA C 38 24.59 2.24 9.76
N ILE C 39 23.61 2.44 10.64
CA ILE C 39 23.39 1.72 11.87
C ILE C 39 21.91 1.34 11.99
N ILE C 40 21.65 0.07 12.22
CA ILE C 40 20.31 -0.41 12.55
C ILE C 40 20.28 -0.97 13.98
N THR C 41 19.09 -0.92 14.60
CA THR C 41 18.83 -1.65 15.84
C THR C 41 17.51 -2.42 15.74
N PHE C 42 17.37 -3.31 16.69
CA PHE C 42 16.18 -4.16 16.91
C PHE C 42 15.69 -3.88 18.32
N LYS C 43 14.46 -4.30 18.58
CA LYS C 43 13.78 -3.91 19.81
CA LYS C 43 13.72 -4.00 19.78
C LYS C 43 14.40 -4.62 21.01
N ASN C 44 15.23 -5.65 20.77
CA ASN C 44 15.98 -6.39 21.78
C ASN C 44 17.32 -5.67 22.11
N GLY C 45 17.55 -4.49 21.50
CA GLY C 45 18.75 -3.75 21.82
C GLY C 45 19.89 -3.98 20.81
N ALA C 46 19.86 -5.07 20.03
CA ALA C 46 20.97 -5.42 19.15
C ALA C 46 21.16 -4.33 18.09
N THR C 47 22.42 -3.96 17.89
CA THR C 47 22.80 -2.79 17.16
C THR C 47 23.86 -3.22 16.15
N PHE C 48 23.73 -2.78 14.87
CA PHE C 48 24.59 -3.25 13.79
C PHE C 48 24.99 -2.11 12.87
N GLN C 49 26.23 -2.15 12.36
CA GLN C 49 26.68 -1.19 11.38
C GLN C 49 26.86 -1.85 10.00
N VAL C 50 26.63 -1.08 8.94
CA VAL C 50 27.35 -1.24 7.70
C VAL C 50 28.56 -0.31 7.76
N GLU C 51 29.75 -0.92 7.68
CA GLU C 51 31.00 -0.19 7.89
C GLU C 51 31.25 0.90 6.84
N VAL C 52 31.96 1.92 7.31
CA VAL C 52 32.55 2.90 6.48
C VAL C 52 33.45 2.17 5.49
N PRO C 53 33.35 2.38 4.15
CA PRO C 53 34.30 1.79 3.21
C PRO C 53 35.72 2.28 3.53
N GLY C 54 36.67 1.35 3.70
CA GLY C 54 38.01 1.63 4.12
C GLY C 54 38.97 0.60 3.57
N SER C 55 40.17 0.52 4.17
CA SER C 55 41.30 -0.29 3.68
C SER C 55 41.10 -1.80 3.94
N GLN C 56 40.15 -2.16 4.81
CA GLN C 56 39.82 -3.58 5.08
C GLN C 56 39.06 -4.18 3.90
N HIS C 57 38.52 -3.32 3.04
CA HIS C 57 37.55 -3.74 2.00
C HIS C 57 38.28 -3.81 0.66
N ILE C 58 38.04 -4.89 -0.10
CA ILE C 58 38.48 -5.00 -1.48
C ILE C 58 37.47 -4.26 -2.38
N ASP C 59 37.86 -4.00 -3.64
CA ASP C 59 37.09 -3.16 -4.58
C ASP C 59 35.67 -3.71 -4.78
N SER C 60 35.57 -5.01 -5.06
CA SER C 60 34.30 -5.70 -5.34
C SER C 60 33.31 -5.46 -4.23
N GLN C 61 33.79 -5.16 -3.02
CA GLN C 61 32.89 -5.00 -1.88
C GLN C 61 32.21 -3.63 -1.95
N LYS C 62 32.77 -2.67 -2.68
CA LYS C 62 32.28 -1.30 -2.49
C LYS C 62 30.86 -1.15 -3.05
N LYS C 63 30.54 -1.70 -4.22
CA LYS C 63 29.15 -1.61 -4.71
C LYS C 63 28.20 -2.33 -3.74
N ALA C 64 28.66 -3.45 -3.16
CA ALA C 64 27.85 -4.30 -2.25
C ALA C 64 27.55 -3.60 -0.93
N ILE C 65 28.50 -2.83 -0.41
CA ILE C 65 28.30 -2.05 0.78
C ILE C 65 27.20 -1.01 0.52
N GLU C 66 27.28 -0.29 -0.61
CA GLU C 66 26.19 0.63 -1.01
C GLU C 66 24.85 -0.13 -1.14
N ARG C 67 24.86 -1.29 -1.79
CA ARG C 67 23.64 -2.09 -1.95
C ARG C 67 23.04 -2.48 -0.59
N MET C 68 23.88 -2.97 0.36
CA MET C 68 23.44 -3.36 1.69
C MET C 68 22.73 -2.18 2.41
N LYS C 69 23.25 -0.97 2.32
CA LYS C 69 22.57 0.23 2.94
C LYS C 69 21.21 0.49 2.28
N ASP C 70 21.12 0.31 0.97
CA ASP C 70 19.84 0.47 0.30
C ASP C 70 18.87 -0.60 0.85
N THR C 71 19.38 -1.83 0.98
CA THR C 71 18.54 -2.95 1.41
C THR C 71 18.03 -2.71 2.82
N LEU C 72 18.90 -2.16 3.69
CA LEU C 72 18.47 -1.93 5.06
C LEU C 72 17.44 -0.81 5.10
N ARG C 73 17.62 0.21 4.26
CA ARG C 73 16.68 1.35 4.25
C ARG C 73 15.27 0.84 3.89
N ILE C 74 15.19 0.06 2.81
CA ILE C 74 13.89 -0.40 2.22
C ILE C 74 13.32 -1.49 3.14
N ALA C 75 14.15 -2.36 3.71
CA ALA C 75 13.66 -3.31 4.72
C ALA C 75 12.98 -2.56 5.88
N TYR C 76 13.65 -1.53 6.42
CA TYR C 76 13.09 -0.69 7.51
C TYR C 76 11.72 -0.12 7.13
N LEU C 77 11.67 0.53 5.95
CA LEU C 77 10.42 1.23 5.53
C LEU C 77 9.28 0.30 5.14
N THR C 78 9.59 -0.97 4.86
CA THR C 78 8.56 -1.99 4.52
C THR C 78 8.23 -2.83 5.75
N GLU C 79 8.92 -2.57 6.88
CA GLU C 79 8.79 -3.38 8.13
C GLU C 79 9.01 -4.88 7.84
N ALA C 80 9.97 -5.17 6.96
CA ALA C 80 10.29 -6.52 6.54
C ALA C 80 10.98 -7.24 7.70
N LYS C 81 10.59 -8.49 7.87
CA LYS C 81 11.21 -9.34 8.85
C LYS C 81 12.63 -9.67 8.40
N VAL C 82 13.58 -9.38 9.27
CA VAL C 82 14.98 -9.78 9.08
C VAL C 82 15.16 -11.14 9.75
N GLU C 83 15.46 -12.16 8.97
CA GLU C 83 15.63 -13.52 9.52
C GLU C 83 16.96 -13.57 10.27
N LYS C 84 18.07 -13.39 9.54
CA LYS C 84 19.41 -13.59 10.13
C LYS C 84 20.34 -12.49 9.59
N LEU C 85 21.37 -12.17 10.39
CA LEU C 85 22.52 -11.47 9.91
C LEU C 85 23.77 -12.31 10.19
N CYS C 86 24.70 -12.28 9.22
CA CYS C 86 26.08 -12.62 9.40
C CYS C 86 26.81 -11.31 9.78
N VAL C 87 27.57 -11.32 10.91
CA VAL C 87 28.33 -10.17 11.33
C VAL C 87 29.77 -10.56 11.65
N TRP C 88 30.69 -9.59 11.47
CA TRP C 88 32.03 -9.64 12.08
C TRP C 88 31.83 -9.18 13.52
N ASN C 89 32.16 -10.02 14.49
CA ASN C 89 31.85 -9.62 15.87
C ASN C 89 33.09 -9.12 16.64
N ASN C 90 34.18 -8.83 15.94
CA ASN C 90 35.34 -8.13 16.51
C ASN C 90 35.19 -6.60 16.32
N LYS C 91 34.05 -6.12 15.82
CA LYS C 91 33.85 -4.69 15.59
C LYS C 91 32.76 -4.20 16.55
N THR C 92 32.80 -2.91 16.92
CA THR C 92 31.68 -2.31 17.65
C THR C 92 31.11 -1.08 16.94
N PRO C 93 29.79 -1.07 16.63
CA PRO C 93 28.90 -2.22 16.70
C PRO C 93 29.32 -3.41 15.81
N HIS C 94 28.70 -4.58 16.01
CA HIS C 94 28.94 -5.70 15.09
C HIS C 94 28.68 -5.25 13.64
N ALA C 95 29.55 -5.66 12.73
CA ALA C 95 29.57 -5.18 11.37
C ALA C 95 28.91 -6.21 10.43
N ILE C 96 27.96 -5.76 9.60
CA ILE C 96 27.18 -6.65 8.76
C ILE C 96 28.01 -7.15 7.59
N ALA C 97 28.05 -8.49 7.44
CA ALA C 97 28.56 -9.19 6.23
C ALA C 97 27.43 -9.61 5.27
N ALA C 98 26.30 -10.14 5.80
CA ALA C 98 25.22 -10.62 4.97
C ALA C 98 23.91 -10.57 5.76
N ILE C 99 22.79 -10.62 5.04
CA ILE C 99 21.45 -10.52 5.59
C ILE C 99 20.59 -11.51 4.79
N SER C 100 19.68 -12.15 5.52
CA SER C 100 18.62 -13.06 5.00
C SER C 100 17.26 -12.54 5.48
N MET C 101 16.29 -12.46 4.57
CA MET C 101 14.96 -12.09 4.85
C MET C 101 14.06 -13.28 4.47
N ALA C 102 13.12 -13.61 5.35
CA ALA C 102 12.10 -14.63 5.10
C ALA C 102 10.89 -14.33 6.00
N ASN C 103 9.68 -14.71 5.59
CA ASN C 103 8.59 -14.54 6.60
C ASN C 103 7.44 -15.48 6.33
N THR D 1 15.30 -12.70 -32.34
CA THR D 1 15.22 -12.13 -31.01
C THR D 1 14.10 -12.82 -30.25
N PRO D 2 14.31 -13.20 -28.97
CA PRO D 2 13.26 -13.86 -28.19
C PRO D 2 12.11 -12.93 -27.79
N GLN D 3 10.92 -13.52 -27.69
CA GLN D 3 9.70 -12.82 -27.31
C GLN D 3 9.25 -13.27 -25.92
N ASN D 4 9.95 -14.25 -25.34
CA ASN D 4 9.66 -14.66 -24.00
C ASN D 4 10.92 -15.33 -23.42
N ILE D 5 10.85 -15.67 -22.12
CA ILE D 5 11.99 -16.17 -21.33
C ILE D 5 12.34 -17.60 -21.80
N THR D 6 11.35 -18.39 -22.30
CA THR D 6 11.66 -19.80 -22.67
C THR D 6 12.51 -19.81 -23.98
N ASP D 7 12.12 -18.99 -24.97
CA ASP D 7 12.88 -18.83 -26.23
C ASP D 7 14.31 -18.40 -25.89
N LEU D 8 14.41 -17.35 -25.06
CA LEU D 8 15.68 -16.74 -24.72
C LEU D 8 16.57 -17.81 -24.07
N CYS D 9 16.03 -18.55 -23.08
CA CYS D 9 16.77 -19.62 -22.37
C CYS D 9 17.33 -20.69 -23.33
N ALA D 10 16.55 -21.05 -24.35
CA ALA D 10 16.90 -22.08 -25.29
C ALA D 10 18.04 -21.66 -26.24
N GLU D 11 18.45 -20.40 -26.22
CA GLU D 11 19.56 -19.94 -27.05
C GLU D 11 20.88 -20.32 -26.39
N TYR D 12 20.90 -20.69 -25.10
CA TYR D 12 22.15 -20.90 -24.39
C TYR D 12 22.39 -22.39 -24.13
N HIS D 13 23.64 -22.83 -24.09
CA HIS D 13 24.02 -24.14 -23.55
C HIS D 13 23.93 -24.12 -22.02
N ASN D 14 23.65 -25.28 -21.42
CA ASN D 14 23.74 -25.50 -19.95
C ASN D 14 22.73 -24.64 -19.18
N THR D 15 21.58 -24.36 -19.82
CA THR D 15 20.48 -23.66 -19.21
C THR D 15 19.27 -24.60 -19.09
N GLN D 16 18.35 -24.29 -18.16
CA GLN D 16 17.03 -24.91 -18.13
C GLN D 16 16.09 -23.89 -17.52
N ILE D 17 14.81 -24.09 -17.76
CA ILE D 17 13.77 -23.27 -17.19
C ILE D 17 13.24 -23.98 -15.95
N HIS D 18 13.02 -23.25 -14.85
CA HIS D 18 12.24 -23.69 -13.72
C HIS D 18 10.95 -22.89 -13.68
N THR D 19 9.82 -23.57 -13.48
CA THR D 19 8.51 -22.93 -13.38
C THR D 19 8.08 -22.88 -11.90
N LEU D 20 8.08 -21.68 -11.30
CA LEU D 20 7.79 -21.49 -9.93
C LEU D 20 6.31 -21.17 -9.72
N ASN D 21 5.81 -20.13 -10.41
CA ASN D 21 4.47 -19.55 -10.15
C ASN D 21 4.26 -19.32 -8.63
N ASP D 22 5.25 -18.69 -7.96
CA ASP D 22 5.19 -18.51 -6.54
C ASP D 22 6.05 -17.29 -6.22
N LYS D 23 5.81 -16.67 -5.06
CA LYS D 23 6.65 -15.59 -4.55
CA LYS D 23 6.66 -15.59 -4.56
C LYS D 23 7.93 -16.21 -3.92
N ILE D 24 8.96 -15.38 -3.79
CA ILE D 24 10.25 -15.73 -3.19
C ILE D 24 10.03 -15.94 -1.69
N PHE D 25 10.40 -17.12 -1.19
CA PHE D 25 10.32 -17.47 0.22
C PHE D 25 11.38 -16.71 1.03
N SER D 26 12.60 -16.59 0.48
CA SER D 26 13.69 -15.87 1.19
C SER D 26 14.63 -15.20 0.19
N TYR D 27 15.17 -14.06 0.61
CA TYR D 27 16.14 -13.30 -0.11
C TYR D 27 17.34 -13.07 0.81
N THR D 28 18.54 -13.40 0.33
CA THR D 28 19.82 -13.25 1.05
C THR D 28 20.78 -12.44 0.16
N GLU D 29 21.46 -11.42 0.73
CA GLU D 29 22.61 -10.84 0.06
C GLU D 29 23.81 -10.68 1.02
N SER D 30 25.03 -10.68 0.41
CA SER D 30 26.25 -10.57 1.12
C SER D 30 27.12 -9.48 0.47
N LEU D 31 27.87 -8.77 1.31
CA LEU D 31 28.90 -7.85 0.87
C LEU D 31 30.29 -8.39 1.26
N ALA D 32 30.30 -9.62 1.78
CA ALA D 32 31.55 -10.32 2.14
C ALA D 32 32.40 -10.58 0.87
N GLY D 33 33.71 -10.39 1.04
CA GLY D 33 34.67 -10.26 -0.06
C GLY D 33 34.83 -11.56 -0.80
N LYS D 34 34.60 -11.49 -2.12
CA LYS D 34 34.49 -12.60 -3.11
C LYS D 34 33.17 -13.36 -2.99
N ARG D 35 32.23 -12.92 -2.13
CA ARG D 35 30.87 -13.52 -2.03
C ARG D 35 29.79 -12.44 -2.14
N GLU D 36 30.02 -11.43 -3.01
CA GLU D 36 29.09 -10.34 -3.20
C GLU D 36 27.95 -10.89 -4.08
N MET D 37 27.06 -11.68 -3.47
CA MET D 37 26.06 -12.43 -4.23
C MET D 37 24.69 -12.22 -3.58
N ALA D 38 23.61 -12.55 -4.33
CA ALA D 38 22.30 -12.71 -3.77
C ALA D 38 21.92 -14.20 -3.83
N ILE D 39 21.08 -14.69 -2.92
CA ILE D 39 20.53 -16.06 -2.97
C ILE D 39 19.04 -15.99 -2.61
N ILE D 40 18.21 -16.66 -3.41
CA ILE D 40 16.81 -16.73 -3.12
C ILE D 40 16.41 -18.20 -3.01
N THR D 41 15.32 -18.46 -2.26
CA THR D 41 14.74 -19.76 -2.23
C THR D 41 13.22 -19.67 -2.36
N PHE D 42 12.65 -20.81 -2.75
CA PHE D 42 11.20 -20.97 -2.90
C PHE D 42 10.75 -22.00 -1.88
N LYS D 43 9.50 -21.94 -1.48
CA LYS D 43 8.94 -22.79 -0.45
C LYS D 43 9.14 -24.27 -0.85
N ASN D 44 9.23 -24.57 -2.16
CA ASN D 44 9.39 -25.95 -2.61
C ASN D 44 10.84 -26.45 -2.42
N GLY D 45 11.76 -25.55 -2.04
CA GLY D 45 13.12 -25.96 -1.70
C GLY D 45 14.15 -25.48 -2.71
N ALA D 46 13.69 -25.13 -3.91
CA ALA D 46 14.59 -24.63 -4.96
C ALA D 46 15.43 -23.46 -4.42
N THR D 47 16.73 -23.43 -4.72
CA THR D 47 17.63 -22.36 -4.31
C THR D 47 18.39 -21.86 -5.53
N PHE D 48 18.49 -20.54 -5.68
CA PHE D 48 19.20 -19.93 -6.80
C PHE D 48 20.09 -18.78 -6.38
N GLN D 49 21.21 -18.60 -7.10
CA GLN D 49 22.09 -17.47 -6.88
C GLN D 49 21.99 -16.42 -7.99
N VAL D 50 22.32 -15.17 -7.65
CA VAL D 50 22.88 -14.26 -8.64
C VAL D 50 24.39 -14.24 -8.41
N GLU D 51 25.16 -14.53 -9.45
CA GLU D 51 26.64 -14.69 -9.34
C GLU D 51 27.39 -13.41 -8.94
N VAL D 52 28.52 -13.64 -8.28
CA VAL D 52 29.49 -12.63 -7.98
C VAL D 52 29.89 -11.96 -9.30
N PRO D 53 29.91 -10.62 -9.39
CA PRO D 53 30.32 -9.95 -10.60
C PRO D 53 31.76 -10.38 -10.85
N GLY D 54 32.13 -10.66 -12.09
CA GLY D 54 33.51 -10.95 -12.34
C GLY D 54 33.87 -10.73 -13.78
N SER D 55 35.04 -11.23 -14.16
CA SER D 55 35.71 -10.90 -15.39
C SER D 55 34.96 -11.40 -16.66
N GLN D 56 34.11 -12.43 -16.56
CA GLN D 56 33.25 -12.88 -17.70
C GLN D 56 32.10 -11.89 -18.03
N HIS D 57 31.84 -10.89 -17.21
CA HIS D 57 30.68 -10.02 -17.39
C HIS D 57 31.11 -8.65 -17.92
N ILE D 58 30.98 -8.36 -19.23
CA ILE D 58 31.27 -6.96 -19.76
C ILE D 58 30.20 -5.98 -19.23
N ASP D 59 30.40 -4.68 -19.46
CA ASP D 59 29.78 -3.60 -18.68
C ASP D 59 28.25 -3.75 -18.64
N SER D 60 27.65 -4.03 -19.82
CA SER D 60 26.22 -4.22 -19.88
C SER D 60 25.82 -5.33 -18.91
N GLN D 61 26.66 -6.36 -18.80
CA GLN D 61 26.41 -7.50 -17.94
C GLN D 61 26.62 -7.15 -16.46
N LYS D 62 27.63 -6.36 -16.11
CA LYS D 62 27.81 -6.05 -14.70
C LYS D 62 26.61 -5.21 -14.25
N LYS D 63 26.16 -4.31 -15.15
CA LYS D 63 24.95 -3.50 -14.89
C LYS D 63 23.74 -4.42 -14.66
N ALA D 64 23.63 -5.45 -15.49
CA ALA D 64 22.43 -6.25 -15.44
C ALA D 64 22.45 -7.19 -14.23
N ILE D 65 23.66 -7.48 -13.72
CA ILE D 65 23.79 -8.30 -12.51
C ILE D 65 23.25 -7.48 -11.34
N GLU D 66 23.63 -6.20 -11.31
CA GLU D 66 23.17 -5.26 -10.33
C GLU D 66 21.64 -5.05 -10.44
N ARG D 67 21.10 -4.98 -11.66
CA ARG D 67 19.64 -4.82 -11.87
CA ARG D 67 19.65 -4.81 -11.86
C ARG D 67 18.91 -6.07 -11.37
N MET D 68 19.49 -7.28 -11.64
CA MET D 68 18.83 -8.56 -11.22
C MET D 68 18.64 -8.58 -9.71
N LYS D 69 19.66 -8.14 -8.97
CA LYS D 69 19.54 -8.13 -7.52
C LYS D 69 18.51 -7.09 -7.10
N ASP D 70 18.45 -5.95 -7.82
CA ASP D 70 17.45 -4.92 -7.50
C ASP D 70 16.06 -5.51 -7.71
N THR D 71 15.89 -6.27 -8.79
CA THR D 71 14.64 -6.90 -9.14
C THR D 71 14.25 -7.94 -8.08
N LEU D 72 15.20 -8.83 -7.74
CA LEU D 72 14.87 -9.89 -6.82
C LEU D 72 14.50 -9.30 -5.46
N ARG D 73 15.24 -8.28 -5.04
CA ARG D 73 14.93 -7.61 -3.80
C ARG D 73 13.49 -7.07 -3.82
N ILE D 74 13.13 -6.28 -4.85
CA ILE D 74 11.79 -5.63 -4.88
C ILE D 74 10.70 -6.67 -5.10
N ALA D 75 11.00 -7.73 -5.86
CA ALA D 75 10.05 -8.80 -6.05
C ALA D 75 9.76 -9.47 -4.71
N TYR D 76 10.80 -9.71 -3.89
CA TYR D 76 10.62 -10.34 -2.60
C TYR D 76 9.71 -9.47 -1.72
N LEU D 77 10.03 -8.18 -1.59
CA LEU D 77 9.34 -7.24 -0.74
C LEU D 77 7.93 -6.89 -1.23
N THR D 78 7.58 -7.14 -2.49
CA THR D 78 6.23 -6.92 -2.95
C THR D 78 5.44 -8.24 -3.02
N GLU D 79 6.04 -9.35 -2.60
CA GLU D 79 5.51 -10.70 -2.82
C GLU D 79 5.04 -10.93 -4.25
N ALA D 80 5.82 -10.49 -5.26
CA ALA D 80 5.41 -10.61 -6.67
C ALA D 80 5.63 -12.07 -7.04
N LYS D 81 4.65 -12.64 -7.75
CA LYS D 81 4.71 -13.97 -8.25
C LYS D 81 5.81 -14.01 -9.30
N VAL D 82 6.74 -14.96 -9.12
CA VAL D 82 7.74 -15.33 -10.09
C VAL D 82 7.17 -16.48 -10.93
N GLU D 83 7.16 -16.29 -12.24
CA GLU D 83 6.60 -17.24 -13.14
C GLU D 83 7.70 -18.27 -13.48
N LYS D 84 8.77 -17.81 -14.13
CA LYS D 84 9.84 -18.71 -14.53
C LYS D 84 11.20 -18.09 -14.23
N LEU D 85 12.19 -18.98 -14.08
CA LEU D 85 13.61 -18.58 -14.03
C LEU D 85 14.35 -19.35 -15.12
N CYS D 86 15.24 -18.65 -15.84
CA CYS D 86 16.18 -19.32 -16.73
C CYS D 86 17.51 -19.39 -16.00
N VAL D 87 18.04 -20.59 -15.83
CA VAL D 87 19.24 -20.74 -14.97
C VAL D 87 20.31 -21.52 -15.71
N TRP D 88 21.57 -21.19 -15.43
CA TRP D 88 22.65 -22.12 -15.69
C TRP D 88 22.65 -23.24 -14.63
N ASN D 89 22.58 -24.48 -15.11
CA ASN D 89 22.41 -25.65 -14.26
C ASN D 89 23.75 -26.34 -14.10
N ASN D 90 24.82 -25.67 -14.57
CA ASN D 90 26.18 -26.18 -14.47
C ASN D 90 26.87 -25.44 -13.31
N LYS D 91 26.04 -24.88 -12.42
CA LYS D 91 26.45 -24.28 -11.18
C LYS D 91 25.56 -24.82 -10.06
N THR D 92 26.14 -24.87 -8.87
CA THR D 92 25.46 -25.13 -7.60
C THR D 92 25.66 -23.93 -6.68
N PRO D 93 24.60 -23.29 -6.19
CA PRO D 93 23.22 -23.44 -6.63
C PRO D 93 23.09 -22.93 -8.08
N HIS D 94 22.03 -23.35 -8.78
CA HIS D 94 21.82 -22.85 -10.13
C HIS D 94 21.89 -21.32 -10.14
N ALA D 95 22.52 -20.77 -11.18
CA ALA D 95 22.74 -19.33 -11.41
C ALA D 95 21.66 -18.69 -12.31
N ILE D 96 21.05 -17.59 -11.86
CA ILE D 96 19.99 -16.94 -12.64
C ILE D 96 20.58 -16.17 -13.83
N ALA D 97 19.90 -16.35 -14.97
CA ALA D 97 20.18 -15.78 -16.26
C ALA D 97 19.03 -14.84 -16.67
N ALA D 98 17.80 -15.22 -16.31
CA ALA D 98 16.64 -14.36 -16.59
C ALA D 98 15.50 -14.74 -15.66
N ILE D 99 14.57 -13.78 -15.45
CA ILE D 99 13.34 -13.99 -14.61
C ILE D 99 12.12 -13.43 -15.38
N SER D 100 10.98 -14.11 -15.25
CA SER D 100 9.70 -13.63 -15.72
C SER D 100 8.75 -13.59 -14.52
N MET D 101 8.02 -12.48 -14.40
CA MET D 101 6.94 -12.25 -13.44
C MET D 101 5.68 -11.96 -14.26
N ALA D 102 4.53 -12.51 -13.82
N ALA D 102 4.53 -12.49 -13.80
CA ALA D 102 3.23 -12.49 -14.55
CA ALA D 102 3.21 -12.27 -14.34
C ALA D 102 2.09 -13.04 -13.67
C ALA D 102 2.19 -12.67 -13.27
N ASN D 103 2.00 -12.56 -12.42
N ASN D 103 0.97 -12.11 -13.35
CA ASN D 103 1.02 -13.06 -11.45
CA ASN D 103 -0.12 -12.45 -12.44
C ASN D 103 -0.31 -13.38 -12.15
C ASN D 103 -1.36 -11.59 -12.76
N THR E 1 12.32 20.56 -29.24
CA THR E 1 11.99 19.67 -28.08
C THR E 1 10.52 19.26 -28.06
N PRO E 2 10.16 17.97 -28.16
CA PRO E 2 8.74 17.60 -28.28
C PRO E 2 8.01 17.75 -26.93
N GLN E 3 6.70 17.93 -26.98
CA GLN E 3 5.87 18.23 -25.73
C GLN E 3 5.06 16.99 -25.32
N ASN E 4 5.16 15.90 -26.09
CA ASN E 4 4.38 14.72 -25.81
C ASN E 4 4.98 13.52 -26.56
N ILE E 5 4.55 12.32 -26.18
CA ILE E 5 5.17 11.14 -26.71
C ILE E 5 4.93 11.10 -28.23
N THR E 6 3.78 11.58 -28.74
CA THR E 6 3.47 11.38 -30.17
C THR E 6 4.46 12.11 -31.09
N ASP E 7 4.67 13.38 -30.76
CA ASP E 7 5.57 14.27 -31.43
C ASP E 7 7.01 13.71 -31.35
N LEU E 8 7.43 13.26 -30.17
CA LEU E 8 8.73 12.63 -30.01
C LEU E 8 8.86 11.48 -30.99
N CYS E 9 7.81 10.64 -31.04
CA CYS E 9 7.85 9.38 -31.81
C CYS E 9 8.04 9.66 -33.32
N ALA E 10 7.42 10.76 -33.74
CA ALA E 10 7.37 11.29 -35.08
C ALA E 10 8.77 11.79 -35.51
N GLU E 11 9.71 11.99 -34.58
CA GLU E 11 11.01 12.50 -34.99
C GLU E 11 11.91 11.36 -35.47
N TYR E 12 11.46 10.11 -35.36
CA TYR E 12 12.27 8.98 -35.80
C TYR E 12 11.56 8.25 -36.92
N HIS E 13 12.34 7.50 -37.69
CA HIS E 13 11.83 6.69 -38.77
C HIS E 13 11.41 5.32 -38.24
N ASN E 14 10.45 4.71 -38.93
CA ASN E 14 10.00 3.31 -38.66
C ASN E 14 9.54 3.16 -37.21
N THR E 15 8.85 4.19 -36.68
CA THR E 15 8.20 4.17 -35.37
C THR E 15 6.68 4.16 -35.47
N GLN E 16 6.05 3.85 -34.33
CA GLN E 16 4.59 3.83 -34.26
C GLN E 16 4.21 3.92 -32.78
N ILE E 17 3.04 4.52 -32.54
CA ILE E 17 2.48 4.61 -31.22
C ILE E 17 1.53 3.43 -31.09
N HIS E 18 1.66 2.67 -30.02
CA HIS E 18 0.62 1.76 -29.58
C HIS E 18 -0.08 2.47 -28.43
N THR E 19 -1.41 2.55 -28.49
CA THR E 19 -2.18 3.10 -27.38
C THR E 19 -2.74 1.92 -26.60
N LEU E 20 -2.11 1.49 -25.50
CA LEU E 20 -2.54 0.29 -24.71
C LEU E 20 -3.61 0.65 -23.67
N ASN E 21 -3.41 1.73 -22.90
CA ASN E 21 -4.31 2.13 -21.82
C ASN E 21 -4.61 0.92 -20.93
N ASP E 22 -3.54 0.24 -20.50
CA ASP E 22 -3.65 -1.01 -19.75
C ASP E 22 -2.34 -1.22 -18.97
N LYS E 23 -2.44 -1.97 -17.89
CA LYS E 23 -1.24 -2.29 -17.17
C LYS E 23 -0.45 -3.40 -17.90
N ILE E 24 0.78 -3.53 -17.46
CA ILE E 24 1.64 -4.54 -17.95
C ILE E 24 1.22 -5.86 -17.35
N PHE E 25 1.11 -6.85 -18.23
CA PHE E 25 0.70 -8.22 -17.89
C PHE E 25 1.91 -9.02 -17.38
N SER E 26 3.06 -8.90 -18.07
CA SER E 26 4.25 -9.72 -17.68
C SER E 26 5.54 -8.91 -17.86
N TYR E 27 6.51 -9.18 -16.96
CA TYR E 27 7.77 -8.47 -17.06
C TYR E 27 8.90 -9.50 -17.00
N THR E 28 9.74 -9.44 -18.05
CA THR E 28 10.87 -10.35 -18.24
C THR E 28 12.15 -9.50 -18.35
N GLU E 29 13.20 -9.90 -17.61
CA GLU E 29 14.52 -9.30 -17.67
C GLU E 29 15.58 -10.42 -17.67
N SER E 30 16.70 -10.15 -18.36
CA SER E 30 17.75 -11.07 -18.72
C SER E 30 19.09 -10.38 -18.50
N LEU E 31 20.01 -11.12 -17.90
CA LEU E 31 21.37 -10.59 -17.76
C LEU E 31 22.34 -11.44 -18.62
N ALA E 32 21.80 -12.42 -19.37
CA ALA E 32 22.58 -13.33 -20.19
C ALA E 32 23.28 -12.54 -21.32
N GLY E 33 24.48 -12.98 -21.67
CA GLY E 33 25.37 -12.31 -22.61
C GLY E 33 24.75 -12.17 -24.00
N LYS E 34 24.68 -10.90 -24.46
CA LYS E 34 24.16 -10.41 -25.75
C LYS E 34 22.62 -10.29 -25.69
N ARG E 35 22.02 -10.63 -24.56
CA ARG E 35 20.60 -10.60 -24.33
C ARG E 35 20.29 -9.89 -23.01
N GLU E 36 21.05 -8.85 -22.68
CA GLU E 36 20.71 -8.03 -21.52
C GLU E 36 19.59 -7.10 -21.96
N MET E 37 18.36 -7.60 -21.85
CA MET E 37 17.17 -6.96 -22.39
C MET E 37 16.00 -7.13 -21.39
N ALA E 38 14.98 -6.29 -21.53
CA ALA E 38 13.68 -6.54 -20.93
C ALA E 38 12.61 -6.78 -22.01
N ILE E 39 11.60 -7.58 -21.62
CA ILE E 39 10.47 -7.90 -22.48
C ILE E 39 9.21 -7.72 -21.63
N ILE E 40 8.24 -6.96 -22.16
CA ILE E 40 6.93 -6.82 -21.50
C ILE E 40 5.85 -7.30 -22.47
N THR E 41 4.75 -7.82 -21.92
CA THR E 41 3.53 -8.14 -22.68
C THR E 41 2.36 -7.46 -22.00
N PHE E 42 1.28 -7.38 -22.77
CA PHE E 42 -0.03 -6.89 -22.34
C PHE E 42 -1.04 -8.03 -22.54
N LYS E 43 -2.15 -7.98 -21.81
CA LYS E 43 -3.12 -9.11 -21.78
C LYS E 43 -3.63 -9.45 -23.19
N ASN E 44 -3.62 -8.47 -24.10
CA ASN E 44 -4.08 -8.64 -25.52
C ASN E 44 -3.02 -9.33 -26.40
N GLY E 45 -1.82 -9.57 -25.88
CA GLY E 45 -0.78 -10.37 -26.57
C GLY E 45 0.39 -9.54 -27.10
N ALA E 46 0.24 -8.22 -27.22
CA ALA E 46 1.33 -7.34 -27.62
C ALA E 46 2.57 -7.59 -26.74
N THR E 47 3.73 -7.64 -27.39
CA THR E 47 5.02 -7.94 -26.81
C THR E 47 6.00 -6.90 -27.31
N PHE E 48 6.83 -6.38 -26.40
CA PHE E 48 7.75 -5.30 -26.65
C PHE E 48 9.09 -5.58 -25.96
N GLN E 49 10.21 -5.22 -26.59
CA GLN E 49 11.53 -5.37 -25.97
C GLN E 49 12.08 -3.98 -25.60
N VAL E 50 12.99 -3.95 -24.61
CA VAL E 50 13.96 -2.91 -24.47
C VAL E 50 15.24 -3.56 -24.96
N GLU E 51 15.80 -3.00 -26.04
CA GLU E 51 16.93 -3.59 -26.72
C GLU E 51 18.14 -3.55 -25.78
N VAL E 52 19.07 -4.47 -26.00
CA VAL E 52 20.35 -4.54 -25.27
C VAL E 52 21.15 -3.27 -25.56
N PRO E 53 21.85 -2.66 -24.58
CA PRO E 53 22.73 -1.53 -24.88
C PRO E 53 23.99 -1.99 -25.63
N GLY E 54 24.65 -1.04 -26.31
CA GLY E 54 25.84 -1.34 -27.11
C GLY E 54 27.01 -0.46 -26.71
N SER E 55 28.20 -0.76 -27.22
CA SER E 55 29.37 0.07 -27.01
C SER E 55 29.16 1.47 -27.59
N GLN E 56 28.28 1.56 -28.60
CA GLN E 56 28.06 2.78 -29.34
C GLN E 56 27.33 3.80 -28.45
N HIS E 57 26.83 3.35 -27.28
CA HIS E 57 26.10 4.22 -26.37
C HIS E 57 27.07 4.89 -25.38
N ILE E 58 26.98 6.22 -25.24
CA ILE E 58 27.72 7.01 -24.22
C ILE E 58 27.00 6.79 -22.88
N ASP E 59 27.63 7.18 -21.79
CA ASP E 59 27.10 6.88 -20.42
C ASP E 59 25.63 7.32 -20.26
N SER E 60 25.33 8.58 -20.64
CA SER E 60 24.04 9.18 -20.45
C SER E 60 22.95 8.48 -21.28
N GLN E 61 23.33 7.91 -22.44
CA GLN E 61 22.45 7.01 -23.20
C GLN E 61 22.21 5.67 -22.48
N LYS E 62 23.27 5.07 -21.97
CA LYS E 62 23.15 3.84 -21.25
C LYS E 62 22.22 4.01 -20.01
N LYS E 63 22.30 5.17 -19.33
CA LYS E 63 21.46 5.46 -18.11
C LYS E 63 20.00 5.57 -18.51
N ALA E 64 19.74 6.11 -19.70
CA ALA E 64 18.33 6.16 -20.25
C ALA E 64 17.79 4.74 -20.52
N ILE E 65 18.61 3.89 -21.14
CA ILE E 65 18.17 2.48 -21.39
C ILE E 65 17.83 1.81 -20.04
N GLU E 66 18.73 1.94 -19.04
CA GLU E 66 18.53 1.35 -17.72
C GLU E 66 17.30 1.94 -17.06
N ARG E 67 17.16 3.29 -17.16
CA ARG E 67 16.04 3.97 -16.58
C ARG E 67 14.74 3.38 -17.13
N MET E 68 14.70 3.17 -18.44
CA MET E 68 13.50 2.64 -19.04
C MET E 68 13.12 1.28 -18.45
N LYS E 69 14.10 0.38 -18.30
CA LYS E 69 13.85 -0.95 -17.72
C LYS E 69 13.40 -0.81 -16.25
N ASP E 70 13.95 0.15 -15.52
CA ASP E 70 13.51 0.49 -14.19
C ASP E 70 12.04 0.94 -14.16
N THR E 71 11.70 1.82 -15.10
CA THR E 71 10.35 2.36 -15.21
C THR E 71 9.39 1.21 -15.47
N LEU E 72 9.81 0.33 -16.38
CA LEU E 72 8.94 -0.81 -16.74
C LEU E 72 8.75 -1.73 -15.55
N ARG E 73 9.81 -2.05 -14.81
CA ARG E 73 9.66 -2.84 -13.64
C ARG E 73 8.68 -2.21 -12.62
N ILE E 74 8.84 -0.93 -12.27
CA ILE E 74 8.09 -0.30 -11.23
C ILE E 74 6.65 -0.11 -11.72
N ALA E 75 6.47 0.16 -13.00
CA ALA E 75 5.10 0.24 -13.54
C ALA E 75 4.37 -1.10 -13.39
N TYR E 76 5.05 -2.17 -13.79
CA TYR E 76 4.52 -3.52 -13.61
C TYR E 76 4.04 -3.73 -12.16
N LEU E 77 4.91 -3.43 -11.19
CA LEU E 77 4.69 -3.77 -9.77
C LEU E 77 3.64 -2.88 -9.11
N THR E 78 3.42 -1.68 -9.64
CA THR E 78 2.43 -0.80 -9.12
C THR E 78 1.14 -0.91 -9.94
N GLU E 79 1.12 -1.76 -10.95
CA GLU E 79 0.01 -1.90 -11.90
C GLU E 79 -0.38 -0.55 -12.51
N ALA E 80 0.61 0.26 -12.88
CA ALA E 80 0.40 1.61 -13.49
C ALA E 80 -0.11 1.42 -14.91
N LYS E 81 -1.10 2.24 -15.28
CA LYS E 81 -1.69 2.22 -16.62
C LYS E 81 -0.66 2.78 -17.60
N VAL E 82 -0.31 1.97 -18.59
CA VAL E 82 0.53 2.42 -19.71
C VAL E 82 -0.42 3.06 -20.72
N GLU E 83 -0.30 4.37 -20.89
CA GLU E 83 -1.13 5.08 -21.88
C GLU E 83 -0.69 4.64 -23.30
N LYS E 84 0.53 5.01 -23.69
CA LYS E 84 1.09 4.85 -25.02
C LYS E 84 2.54 4.34 -24.94
N LEU E 85 2.94 3.52 -25.92
CA LEU E 85 4.38 3.27 -26.21
C LEU E 85 4.69 3.79 -27.62
N CYS E 86 5.80 4.50 -27.73
CA CYS E 86 6.47 4.71 -28.99
C CYS E 86 7.47 3.58 -29.23
N VAL E 87 7.28 2.81 -30.29
CA VAL E 87 8.18 1.74 -30.63
C VAL E 87 8.78 1.93 -32.03
N TRP E 88 9.93 1.25 -32.23
CA TRP E 88 10.47 0.91 -33.53
C TRP E 88 9.85 -0.39 -34.04
N ASN E 89 9.15 -0.33 -35.19
CA ASN E 89 8.40 -1.50 -35.65
C ASN E 89 9.12 -2.22 -36.80
N ASN E 90 10.38 -1.86 -37.10
CA ASN E 90 11.19 -2.69 -38.01
C ASN E 90 12.00 -3.74 -37.19
N LYS E 91 11.72 -3.88 -35.90
CA LYS E 91 12.25 -4.93 -35.05
C LYS E 91 11.13 -5.85 -34.58
N THR E 92 11.49 -7.08 -34.20
CA THR E 92 10.61 -8.08 -33.68
C THR E 92 11.22 -8.70 -32.42
N PRO E 93 10.51 -8.62 -31.31
CA PRO E 93 9.37 -7.75 -31.10
C PRO E 93 9.72 -6.24 -31.25
N HIS E 94 8.66 -5.45 -31.37
CA HIS E 94 8.75 -3.99 -31.45
C HIS E 94 9.57 -3.46 -30.27
N ALA E 95 10.47 -2.52 -30.58
CA ALA E 95 11.49 -2.08 -29.60
C ALA E 95 11.08 -0.71 -29.02
N ILE E 96 10.96 -0.64 -27.67
CA ILE E 96 10.45 0.57 -26.98
C ILE E 96 11.46 1.74 -27.13
N ALA E 97 10.94 2.88 -27.57
CA ALA E 97 11.69 4.19 -27.62
C ALA E 97 11.20 5.10 -26.47
N ALA E 98 9.90 4.99 -26.13
CA ALA E 98 9.35 5.84 -25.11
C ALA E 98 8.03 5.27 -24.59
N ILE E 99 7.67 5.77 -23.41
CA ILE E 99 6.46 5.35 -22.67
C ILE E 99 5.78 6.59 -22.11
N SER E 100 4.44 6.55 -22.10
CA SER E 100 3.67 7.50 -21.34
C SER E 100 2.62 6.78 -20.45
N MET E 101 2.46 7.34 -19.26
CA MET E 101 1.53 6.83 -18.23
C MET E 101 0.63 7.98 -17.80
N ALA E 102 -0.65 7.68 -17.58
CA ALA E 102 -1.64 8.65 -17.15
C ALA E 102 -2.82 7.95 -16.46
N ASN E 103 -3.54 8.69 -15.60
CA ASN E 103 -4.94 8.42 -15.10
C ASN E 103 -4.88 8.14 -13.59
N THR F 1 -14.72 -31.03 16.34
CA THR F 1 -14.64 -29.71 15.66
C THR F 1 -13.43 -29.82 14.75
N PRO F 2 -13.54 -29.55 13.44
CA PRO F 2 -12.42 -29.68 12.51
C PRO F 2 -11.35 -28.59 12.76
N GLN F 3 -10.09 -28.86 12.41
CA GLN F 3 -8.96 -27.93 12.65
C GLN F 3 -8.43 -27.41 11.32
N ASN F 4 -9.00 -27.90 10.21
CA ASN F 4 -8.56 -27.50 8.88
C ASN F 4 -9.75 -27.68 7.92
N ILE F 5 -9.57 -27.19 6.70
CA ILE F 5 -10.68 -27.02 5.77
C ILE F 5 -11.01 -28.38 5.15
N THR F 6 -10.00 -29.24 5.05
CA THR F 6 -10.16 -30.61 4.49
C THR F 6 -11.05 -31.43 5.43
N ASP F 7 -10.65 -31.53 6.69
CA ASP F 7 -11.45 -32.20 7.73
C ASP F 7 -12.87 -31.65 7.77
N LEU F 8 -13.02 -30.31 7.81
CA LEU F 8 -14.36 -29.67 7.81
C LEU F 8 -15.15 -30.17 6.58
N CYS F 9 -14.51 -30.20 5.41
CA CYS F 9 -15.20 -30.58 4.18
C CYS F 9 -15.74 -32.01 4.29
N ALA F 10 -14.90 -32.90 4.85
CA ALA F 10 -15.15 -34.35 4.92
C ALA F 10 -16.31 -34.71 5.86
N GLU F 11 -16.95 -33.70 6.49
CA GLU F 11 -18.10 -33.84 7.38
C GLU F 11 -19.41 -33.80 6.57
N TYR F 12 -19.37 -33.32 5.33
CA TYR F 12 -20.62 -32.99 4.65
C TYR F 12 -20.78 -33.85 3.39
N HIS F 13 -22.03 -33.95 2.94
CA HIS F 13 -22.35 -34.69 1.73
C HIS F 13 -22.13 -33.79 0.50
N ASN F 14 -21.71 -34.44 -0.59
CA ASN F 14 -21.71 -33.83 -1.91
C ASN F 14 -20.66 -32.72 -1.94
N THR F 15 -19.49 -32.95 -1.35
CA THR F 15 -18.47 -31.90 -1.27
C THR F 15 -17.11 -32.47 -1.70
N GLN F 16 -16.20 -31.53 -2.00
CA GLN F 16 -14.83 -31.83 -2.36
C GLN F 16 -13.98 -30.60 -2.07
N ILE F 17 -12.67 -30.84 -1.95
CA ILE F 17 -11.70 -29.79 -1.85
C ILE F 17 -11.25 -29.45 -3.28
N HIS F 18 -11.12 -28.15 -3.60
CA HIS F 18 -10.24 -27.71 -4.72
C HIS F 18 -9.03 -27.00 -4.13
N THR F 19 -7.83 -27.43 -4.55
CA THR F 19 -6.60 -26.73 -4.26
C THR F 19 -6.24 -25.82 -5.43
N LEU F 20 -5.88 -24.57 -5.10
CA LEU F 20 -5.76 -23.49 -6.06
C LEU F 20 -4.42 -22.78 -5.89
N ASN F 21 -4.01 -22.52 -4.64
CA ASN F 21 -2.76 -21.88 -4.38
C ASN F 21 -2.58 -20.78 -5.41
N ASP F 22 -3.62 -19.96 -5.60
CA ASP F 22 -3.57 -18.81 -6.49
C ASP F 22 -4.60 -17.76 -6.01
N LYS F 23 -4.35 -16.51 -6.40
CA LYS F 23 -5.28 -15.41 -6.18
C LYS F 23 -6.56 -15.60 -7.02
N ILE F 24 -7.63 -14.88 -6.67
CA ILE F 24 -8.83 -14.81 -7.47
C ILE F 24 -8.60 -13.90 -8.68
N PHE F 25 -8.98 -14.40 -9.85
CA PHE F 25 -8.77 -13.71 -11.14
C PHE F 25 -9.89 -12.71 -11.40
N SER F 26 -11.15 -13.10 -11.13
CA SER F 26 -12.29 -12.19 -11.22
C SER F 26 -13.26 -12.41 -10.04
N TYR F 27 -13.91 -11.29 -9.64
CA TYR F 27 -14.95 -11.23 -8.63
C TYR F 27 -16.18 -10.54 -9.22
N THR F 28 -17.33 -11.24 -9.15
CA THR F 28 -18.66 -10.73 -9.64
C THR F 28 -19.69 -10.82 -8.50
N GLU F 29 -20.52 -9.79 -8.43
CA GLU F 29 -21.47 -9.50 -7.39
C GLU F 29 -22.72 -8.98 -8.08
N SER F 30 -23.89 -9.53 -7.70
CA SER F 30 -25.22 -9.19 -8.31
C SER F 30 -26.19 -8.89 -7.18
N LEU F 31 -27.03 -7.85 -7.37
CA LEU F 31 -28.11 -7.47 -6.47
C LEU F 31 -29.48 -7.67 -7.13
N ALA F 32 -29.47 -8.31 -8.31
CA ALA F 32 -30.65 -8.68 -9.11
C ALA F 32 -31.49 -9.73 -8.35
N GLY F 33 -32.81 -9.51 -8.42
CA GLY F 33 -33.78 -10.32 -7.68
C GLY F 33 -33.61 -11.79 -7.95
N LYS F 34 -33.33 -12.55 -6.89
CA LYS F 34 -33.20 -14.01 -6.88
C LYS F 34 -31.86 -14.45 -7.48
N ARG F 35 -30.97 -13.48 -7.78
CA ARG F 35 -29.61 -13.77 -8.16
C ARG F 35 -28.67 -12.93 -7.27
N GLU F 36 -29.05 -12.72 -5.99
CA GLU F 36 -28.22 -12.03 -4.99
C GLU F 36 -27.09 -12.98 -4.57
N MET F 37 -26.05 -13.03 -5.42
CA MET F 37 -24.94 -13.98 -5.33
C MET F 37 -23.62 -13.30 -5.71
N ALA F 38 -22.53 -14.05 -5.46
CA ALA F 38 -21.18 -13.72 -5.89
C ALA F 38 -20.65 -14.89 -6.71
N ILE F 39 -19.85 -14.55 -7.71
CA ILE F 39 -19.19 -15.52 -8.54
C ILE F 39 -17.72 -15.11 -8.58
N ILE F 40 -16.82 -16.08 -8.42
CA ILE F 40 -15.42 -15.90 -8.60
C ILE F 40 -14.85 -16.97 -9.52
N THR F 41 -13.80 -16.58 -10.25
CA THR F 41 -13.05 -17.47 -11.10
C THR F 41 -11.54 -17.34 -10.81
N PHE F 42 -10.81 -18.42 -11.13
CA PHE F 42 -9.36 -18.49 -11.05
C PHE F 42 -8.76 -18.42 -12.48
N LYS F 43 -7.43 -18.42 -12.56
CA LYS F 43 -6.74 -18.28 -13.85
C LYS F 43 -6.80 -19.62 -14.63
N ASN F 44 -7.21 -20.71 -13.96
CA ASN F 44 -7.29 -22.03 -14.58
C ASN F 44 -8.70 -22.29 -15.14
N GLY F 45 -9.62 -21.33 -14.95
CA GLY F 45 -10.99 -21.39 -15.45
C GLY F 45 -12.01 -21.82 -14.39
N ALA F 46 -11.53 -22.35 -13.27
CA ALA F 46 -12.38 -22.85 -12.15
C ALA F 46 -13.29 -21.74 -11.64
N THR F 47 -14.58 -22.05 -11.54
CA THR F 47 -15.61 -21.05 -11.30
C THR F 47 -16.43 -21.55 -10.11
N PHE F 48 -16.76 -20.61 -9.21
CA PHE F 48 -17.43 -20.92 -7.96
C PHE F 48 -18.48 -19.85 -7.66
N GLN F 49 -19.55 -20.25 -6.98
CA GLN F 49 -20.59 -19.32 -6.53
C GLN F 49 -20.63 -19.30 -5.01
N VAL F 50 -21.08 -18.17 -4.48
CA VAL F 50 -21.71 -18.17 -3.20
C VAL F 50 -23.20 -18.16 -3.49
N GLU F 51 -23.93 -19.16 -2.95
CA GLU F 51 -25.33 -19.40 -3.22
C GLU F 51 -26.21 -18.23 -2.77
N VAL F 52 -27.27 -18.03 -3.54
CA VAL F 52 -28.38 -17.19 -3.17
C VAL F 52 -28.90 -17.72 -1.85
N PRO F 53 -29.14 -16.88 -0.82
CA PRO F 53 -29.78 -17.32 0.42
C PRO F 53 -31.26 -17.61 0.17
N GLY F 54 -31.62 -18.87 0.41
CA GLY F 54 -32.94 -19.43 0.21
C GLY F 54 -33.43 -20.11 1.46
N SER F 55 -34.39 -21.03 1.31
CA SER F 55 -35.00 -21.77 2.42
C SER F 55 -34.22 -23.07 2.70
N GLN F 56 -33.31 -23.46 1.81
CA GLN F 56 -32.44 -24.64 2.05
C GLN F 56 -31.36 -24.31 3.11
N HIS F 57 -31.29 -23.04 3.53
CA HIS F 57 -30.24 -22.55 4.46
C HIS F 57 -30.81 -22.41 5.86
N ILE F 58 -30.07 -22.88 6.88
CA ILE F 58 -30.51 -22.63 8.27
C ILE F 58 -30.15 -21.18 8.63
N ASP F 59 -30.91 -20.59 9.57
CA ASP F 59 -30.82 -19.12 9.95
C ASP F 59 -29.34 -18.66 10.16
N SER F 60 -28.54 -19.49 10.85
CA SER F 60 -27.17 -19.14 11.20
C SER F 60 -26.31 -19.02 9.95
N GLN F 61 -26.72 -19.72 8.87
CA GLN F 61 -26.00 -19.66 7.60
C GLN F 61 -26.25 -18.32 6.89
N LYS F 62 -27.33 -17.61 7.20
CA LYS F 62 -27.62 -16.36 6.47
C LYS F 62 -26.47 -15.36 6.71
N LYS F 63 -26.04 -15.20 7.98
CA LYS F 63 -24.99 -14.24 8.33
C LYS F 63 -23.67 -14.69 7.72
N ALA F 64 -23.38 -16.00 7.71
CA ALA F 64 -22.10 -16.52 7.22
C ALA F 64 -22.00 -16.45 5.68
N ILE F 65 -23.15 -16.46 4.98
CA ILE F 65 -23.16 -16.26 3.51
C ILE F 65 -22.74 -14.80 3.21
N GLU F 66 -23.28 -13.86 3.99
CA GLU F 66 -22.91 -12.45 3.88
C GLU F 66 -21.43 -12.33 4.20
N ARG F 67 -20.96 -13.00 5.25
CA ARG F 67 -19.55 -12.86 5.57
C ARG F 67 -18.69 -13.37 4.40
N MET F 68 -19.06 -14.49 3.78
CA MET F 68 -18.17 -15.16 2.82
C MET F 68 -17.94 -14.24 1.63
N LYS F 69 -19.00 -13.51 1.26
CA LYS F 69 -19.01 -12.51 0.17
C LYS F 69 -18.10 -11.32 0.50
N ASP F 70 -18.25 -10.79 1.71
CA ASP F 70 -17.26 -9.88 2.24
C ASP F 70 -15.82 -10.40 2.05
N THR F 71 -15.57 -11.66 2.45
CA THR F 71 -14.28 -12.25 2.48
C THR F 71 -13.76 -12.37 1.05
N LEU F 72 -14.63 -12.80 0.13
CA LEU F 72 -14.22 -13.01 -1.24
C LEU F 72 -13.82 -11.68 -1.89
N ARG F 73 -14.58 -10.61 -1.61
CA ARG F 73 -14.32 -9.29 -2.12
C ARG F 73 -12.96 -8.78 -1.64
N ILE F 74 -12.71 -8.81 -0.33
CA ILE F 74 -11.45 -8.28 0.17
C ILE F 74 -10.27 -9.17 -0.29
N ALA F 75 -10.45 -10.50 -0.42
CA ALA F 75 -9.38 -11.37 -0.93
C ALA F 75 -9.01 -10.93 -2.34
N TYR F 76 -10.03 -10.78 -3.19
CA TYR F 76 -9.83 -10.37 -4.53
C TYR F 76 -8.98 -9.10 -4.58
N LEU F 77 -9.42 -8.05 -3.85
CA LEU F 77 -8.83 -6.72 -3.84
C LEU F 77 -7.44 -6.71 -3.21
N THR F 78 -7.12 -7.64 -2.32
CA THR F 78 -5.75 -7.68 -1.77
C THR F 78 -4.86 -8.66 -2.57
N GLU F 79 -5.43 -9.32 -3.58
CA GLU F 79 -4.74 -10.42 -4.29
C GLU F 79 -4.25 -11.52 -3.33
N ALA F 80 -5.10 -11.93 -2.38
CA ALA F 80 -4.70 -12.90 -1.40
C ALA F 80 -4.71 -14.27 -2.07
N LYS F 81 -3.69 -15.08 -1.78
CA LYS F 81 -3.62 -16.45 -2.26
C LYS F 81 -4.75 -17.28 -1.61
N VAL F 82 -5.49 -18.02 -2.44
CA VAL F 82 -6.48 -18.93 -1.97
C VAL F 82 -5.85 -20.32 -2.01
N GLU F 83 -5.73 -20.93 -0.83
CA GLU F 83 -5.12 -22.25 -0.73
C GLU F 83 -6.11 -23.33 -1.22
N LYS F 84 -7.23 -23.51 -0.50
CA LYS F 84 -8.25 -24.49 -0.84
C LYS F 84 -9.64 -23.84 -0.78
N LEU F 85 -10.57 -24.40 -1.56
CA LEU F 85 -12.03 -24.23 -1.42
C LEU F 85 -12.65 -25.59 -1.08
N CYS F 86 -13.50 -25.63 -0.04
CA CYS F 86 -14.45 -26.74 0.13
C CYS F 86 -15.74 -26.34 -0.59
N VAL F 87 -16.23 -27.21 -1.46
CA VAL F 87 -17.39 -26.84 -2.28
C VAL F 87 -18.39 -28.01 -2.34
N TRP F 88 -19.65 -27.66 -2.63
CA TRP F 88 -20.68 -28.61 -3.04
C TRP F 88 -20.59 -28.81 -4.56
N ASN F 89 -20.29 -30.05 -4.97
CA ASN F 89 -19.91 -30.37 -6.35
C ASN F 89 -21.13 -30.90 -7.14
N ASN F 90 -22.32 -30.71 -6.54
CA ASN F 90 -23.62 -31.13 -7.08
C ASN F 90 -24.39 -29.89 -7.55
N LYS F 91 -23.69 -28.77 -7.66
CA LYS F 91 -24.24 -27.53 -8.12
C LYS F 91 -23.27 -26.96 -9.14
N THR F 92 -23.84 -26.25 -10.13
CA THR F 92 -23.14 -25.65 -11.21
C THR F 92 -23.43 -24.16 -11.23
N PRO F 93 -22.41 -23.33 -11.03
CA PRO F 93 -21.08 -23.76 -10.68
C PRO F 93 -21.00 -24.29 -9.24
N HIS F 94 -19.86 -24.93 -8.89
CA HIS F 94 -19.66 -25.45 -7.53
C HIS F 94 -19.89 -24.32 -6.50
N ALA F 95 -20.58 -24.65 -5.40
CA ALA F 95 -20.90 -23.69 -4.36
C ALA F 95 -19.89 -23.81 -3.21
N ILE F 96 -19.47 -22.64 -2.70
CA ILE F 96 -18.50 -22.55 -1.63
C ILE F 96 -19.15 -22.89 -0.29
N ALA F 97 -18.52 -23.88 0.36
CA ALA F 97 -18.76 -24.21 1.72
C ALA F 97 -17.74 -23.49 2.62
N ALA F 98 -16.50 -23.41 2.16
CA ALA F 98 -15.41 -22.85 2.97
C ALA F 98 -14.21 -22.50 2.09
N ILE F 99 -13.38 -21.61 2.63
CA ILE F 99 -12.22 -21.08 1.97
C ILE F 99 -11.03 -21.17 2.96
N SER F 100 -9.84 -21.51 2.47
CA SER F 100 -8.59 -21.29 3.19
C SER F 100 -7.62 -20.39 2.38
N MET F 101 -6.91 -19.50 3.10
CA MET F 101 -5.90 -18.60 2.61
C MET F 101 -4.65 -18.80 3.48
N ALA F 102 -3.55 -19.10 2.79
CA ALA F 102 -2.21 -19.08 3.30
C ALA F 102 -1.33 -18.44 2.21
N ASN F 103 -0.35 -17.62 2.55
CA ASN F 103 0.26 -16.73 1.49
C ASN F 103 1.24 -17.54 0.63
N THR G 1 -12.93 -3.41 35.52
CA THR G 1 -12.57 -3.29 34.07
C THR G 1 -11.10 -3.70 33.83
N PRO G 2 -10.81 -4.66 32.92
CA PRO G 2 -9.46 -5.06 32.58
C PRO G 2 -8.71 -3.87 31.98
N GLN G 3 -7.42 -3.74 32.27
CA GLN G 3 -6.56 -2.76 31.57
C GLN G 3 -5.70 -3.40 30.49
N ASN G 4 -5.78 -4.73 30.37
CA ASN G 4 -5.03 -5.46 29.36
C ASN G 4 -5.56 -6.89 29.24
N ILE G 5 -5.10 -7.57 28.20
CA ILE G 5 -5.56 -8.92 27.89
C ILE G 5 -5.33 -9.89 29.06
N THR G 6 -4.28 -9.73 29.87
CA THR G 6 -3.96 -10.72 30.90
C THR G 6 -5.02 -10.63 32.01
N ASP G 7 -5.34 -9.39 32.40
CA ASP G 7 -6.36 -9.06 33.30
C ASP G 7 -7.70 -9.64 32.82
N LEU G 8 -7.96 -9.49 31.52
CA LEU G 8 -9.27 -9.88 30.99
C LEU G 8 -9.37 -11.41 31.02
N CYS G 9 -8.26 -12.08 30.68
CA CYS G 9 -8.18 -13.56 30.56
C CYS G 9 -8.37 -14.27 31.90
N ALA G 10 -7.85 -13.61 32.94
CA ALA G 10 -7.90 -14.01 34.31
C ALA G 10 -9.34 -13.99 34.88
N GLU G 11 -10.29 -13.35 34.21
CA GLU G 11 -11.64 -13.26 34.75
C GLU G 11 -12.48 -14.48 34.36
N TYR G 12 -11.90 -15.42 33.57
CA TYR G 12 -12.63 -16.61 33.10
C TYR G 12 -11.88 -17.90 33.48
N HIS G 13 -12.62 -18.92 33.88
CA HIS G 13 -12.12 -20.28 34.09
C HIS G 13 -11.81 -20.88 32.71
N ASN G 14 -10.86 -21.80 32.70
CA ASN G 14 -10.34 -22.57 31.57
C ASN G 14 -9.81 -21.67 30.44
N THR G 15 -9.08 -20.60 30.78
CA THR G 15 -8.40 -19.82 29.79
C THR G 15 -6.87 -19.89 29.94
N GLN G 16 -6.15 -19.60 28.85
CA GLN G 16 -4.71 -19.29 28.94
C GLN G 16 -4.35 -18.25 27.87
N ILE G 17 -3.24 -17.61 28.18
CA ILE G 17 -2.58 -16.69 27.28
C ILE G 17 -1.55 -17.51 26.52
N HIS G 18 -1.71 -17.54 25.20
CA HIS G 18 -0.60 -17.86 24.32
C HIS G 18 0.07 -16.56 23.86
N THR G 19 1.43 -16.54 23.85
CA THR G 19 2.27 -15.44 23.35
C THR G 19 2.84 -15.81 21.97
N LEU G 20 2.25 -15.29 20.91
CA LEU G 20 2.57 -15.64 19.52
C LEU G 20 3.70 -14.77 18.95
N ASN G 21 3.59 -13.45 19.11
CA ASN G 21 4.44 -12.45 18.47
C ASN G 21 4.73 -12.85 17.01
N ASP G 22 3.67 -13.10 16.24
CA ASP G 22 3.83 -13.52 14.91
C ASP G 22 2.53 -13.16 14.19
N LYS G 23 2.62 -12.99 12.87
CA LYS G 23 1.51 -12.82 12.03
C LYS G 23 0.81 -14.18 11.86
N ILE G 24 -0.47 -14.09 11.49
CA ILE G 24 -1.31 -15.25 11.25
C ILE G 24 -0.82 -15.94 9.99
N PHE G 25 -0.67 -17.25 10.03
CA PHE G 25 -0.15 -18.03 8.93
C PHE G 25 -1.27 -18.34 7.91
N SER G 26 -2.45 -18.68 8.41
CA SER G 26 -3.54 -19.11 7.50
C SER G 26 -4.88 -18.71 8.10
N TYR G 27 -5.82 -18.31 7.22
CA TYR G 27 -7.17 -17.94 7.63
C TYR G 27 -8.20 -18.75 6.84
N THR G 28 -9.06 -19.51 7.58
CA THR G 28 -10.08 -20.37 7.02
C THR G 28 -11.43 -19.91 7.55
N GLU G 29 -12.43 -19.88 6.67
CA GLU G 29 -13.79 -19.54 7.03
C GLU G 29 -14.80 -20.48 6.34
N SER G 30 -15.89 -20.83 7.08
CA SER G 30 -16.88 -21.85 6.65
C SER G 30 -18.29 -21.31 6.87
N LEU G 31 -19.15 -21.52 5.87
CA LEU G 31 -20.56 -21.13 5.97
C LEU G 31 -21.47 -22.37 6.11
N ALA G 32 -20.85 -23.56 6.11
CA ALA G 32 -21.57 -24.81 6.11
C ALA G 32 -22.34 -24.98 7.43
N GLY G 33 -23.55 -25.52 7.34
CA GLY G 33 -24.47 -25.60 8.47
C GLY G 33 -23.80 -26.14 9.72
N LYS G 34 -24.06 -25.44 10.84
CA LYS G 34 -23.54 -25.73 12.21
C LYS G 34 -22.01 -25.81 12.22
N ARG G 35 -21.34 -25.18 11.23
CA ARG G 35 -19.90 -25.00 11.23
C ARG G 35 -19.59 -23.59 10.73
N GLU G 36 -20.41 -22.62 11.16
CA GLU G 36 -20.30 -21.22 10.79
C GLU G 36 -19.17 -20.60 11.64
N MET G 37 -17.91 -20.89 11.25
CA MET G 37 -16.72 -20.64 12.10
C MET G 37 -15.56 -20.07 11.29
N ALA G 38 -14.57 -19.52 12.02
CA ALA G 38 -13.29 -19.16 11.54
C ALA G 38 -12.26 -20.01 12.32
N ILE G 39 -11.22 -20.43 11.61
CA ILE G 39 -10.06 -21.11 12.09
C ILE G 39 -8.82 -20.36 11.58
N ILE G 40 -7.89 -20.04 12.49
CA ILE G 40 -6.57 -19.51 12.13
C ILE G 40 -5.47 -20.45 12.65
N THR G 41 -4.33 -20.43 11.95
CA THR G 41 -3.11 -21.12 12.35
C THR G 41 -1.93 -20.16 12.33
N PHE G 42 -0.90 -20.48 13.11
CA PHE G 42 0.35 -19.81 13.05
C PHE G 42 1.37 -20.81 12.51
N LYS G 43 2.54 -20.33 12.06
CA LYS G 43 3.46 -21.21 11.34
C LYS G 43 4.03 -22.30 12.26
N ASN G 44 3.96 -22.10 13.58
CA ASN G 44 4.47 -23.03 14.60
C ASN G 44 3.50 -24.25 14.74
N GLY G 45 2.32 -24.13 14.11
CA GLY G 45 1.33 -25.18 14.01
C GLY G 45 0.18 -25.00 14.99
N ALA G 46 0.20 -23.92 15.81
CA ALA G 46 -0.90 -23.63 16.72
C ALA G 46 -2.14 -23.32 15.86
N THR G 47 -3.32 -23.80 16.29
CA THR G 47 -4.61 -23.58 15.62
C THR G 47 -5.64 -23.11 16.65
N PHE G 48 -6.49 -22.17 16.22
CA PHE G 48 -7.49 -21.48 17.02
C PHE G 48 -8.75 -21.32 16.19
N GLN G 49 -9.91 -21.37 16.86
CA GLN G 49 -11.21 -21.14 16.22
C GLN G 49 -11.91 -19.97 16.89
N VAL G 50 -12.78 -19.30 16.12
CA VAL G 50 -13.82 -18.55 16.68
C VAL G 50 -15.07 -19.41 16.60
N GLU G 51 -15.64 -19.70 17.77
CA GLU G 51 -16.67 -20.70 17.88
C GLU G 51 -17.94 -20.22 17.19
N VAL G 52 -18.70 -21.18 16.71
CA VAL G 52 -20.04 -20.95 16.17
C VAL G 52 -20.90 -20.19 17.20
N PRO G 53 -21.61 -19.10 16.84
CA PRO G 53 -22.47 -18.40 17.79
C PRO G 53 -23.74 -19.20 18.17
N GLY G 54 -24.66 -18.56 18.92
CA GLY G 54 -25.82 -19.22 19.44
C GLY G 54 -26.95 -18.25 19.71
N SER G 55 -28.12 -18.83 19.98
CA SER G 55 -29.32 -18.14 20.31
C SER G 55 -29.23 -17.54 21.71
N GLN G 56 -28.29 -18.05 22.52
CA GLN G 56 -28.15 -17.53 23.88
C GLN G 56 -27.47 -16.15 23.84
N HIS G 57 -27.04 -15.67 22.66
CA HIS G 57 -26.34 -14.37 22.58
C HIS G 57 -27.30 -13.23 22.19
N ILE G 58 -27.40 -12.22 23.06
CA ILE G 58 -28.03 -10.97 22.72
C ILE G 58 -27.24 -10.27 21.58
N ASP G 59 -27.86 -9.26 20.98
CA ASP G 59 -27.34 -8.71 19.70
C ASP G 59 -25.91 -8.15 19.94
N SER G 60 -25.70 -7.44 21.05
CA SER G 60 -24.41 -6.80 21.27
C SER G 60 -23.32 -7.87 21.37
N GLN G 61 -23.68 -9.02 21.93
CA GLN G 61 -22.72 -10.16 22.02
C GLN G 61 -22.47 -10.76 20.64
N LYS G 62 -23.55 -10.99 19.88
CA LYS G 62 -23.40 -11.52 18.56
C LYS G 62 -22.43 -10.65 17.75
N LYS G 63 -22.55 -9.33 17.93
CA LYS G 63 -21.76 -8.34 17.23
C LYS G 63 -20.29 -8.52 17.58
N ALA G 64 -20.00 -8.95 18.78
CA ALA G 64 -18.62 -9.02 19.19
C ALA G 64 -17.98 -10.26 18.52
N ILE G 65 -18.73 -11.34 18.44
CA ILE G 65 -18.23 -12.56 17.84
C ILE G 65 -17.89 -12.31 16.35
N GLU G 66 -18.79 -11.59 15.65
CA GLU G 66 -18.62 -11.29 14.25
C GLU G 66 -17.42 -10.35 14.05
N ARG G 67 -17.29 -9.36 14.95
CA ARG G 67 -16.20 -8.39 14.91
C ARG G 67 -14.87 -9.11 15.02
N MET G 68 -14.78 -10.08 15.95
CA MET G 68 -13.57 -10.89 16.12
C MET G 68 -13.20 -11.60 14.81
N LYS G 69 -14.17 -12.12 14.07
CA LYS G 69 -13.83 -12.76 12.82
C LYS G 69 -13.31 -11.73 11.81
N ASP G 70 -13.97 -10.58 11.75
CA ASP G 70 -13.53 -9.41 11.00
C ASP G 70 -12.08 -9.08 11.34
N THR G 71 -11.76 -9.09 12.62
CA THR G 71 -10.45 -8.62 13.05
C THR G 71 -9.36 -9.61 12.60
N LEU G 72 -9.64 -10.90 12.82
CA LEU G 72 -8.71 -11.96 12.38
C LEU G 72 -8.45 -11.83 10.86
N ARG G 73 -9.50 -11.62 10.05
CA ARG G 73 -9.34 -11.58 8.60
C ARG G 73 -8.40 -10.45 8.19
N ILE G 74 -8.69 -9.23 8.66
CA ILE G 74 -7.92 -8.02 8.30
C ILE G 74 -6.52 -8.10 8.91
N ALA G 75 -6.37 -8.59 10.15
CA ALA G 75 -5.03 -8.87 10.73
C ALA G 75 -4.25 -9.80 9.77
N TYR G 76 -4.89 -10.91 9.38
CA TYR G 76 -4.25 -11.78 8.43
C TYR G 76 -3.88 -11.02 7.13
N LEU G 77 -4.86 -10.31 6.54
CA LEU G 77 -4.57 -9.66 5.26
C LEU G 77 -3.55 -8.52 5.40
N THR G 78 -3.39 -7.92 6.57
CA THR G 78 -2.40 -6.87 6.71
C THR G 78 -1.07 -7.41 7.25
N GLU G 79 -1.00 -8.71 7.54
CA GLU G 79 0.17 -9.32 8.23
C GLU G 79 0.47 -8.62 9.58
N ALA G 80 -0.56 -8.18 10.29
CA ALA G 80 -0.42 -7.53 11.57
C ALA G 80 0.16 -8.56 12.57
N LYS G 81 1.18 -8.13 13.32
CA LYS G 81 1.77 -8.99 14.37
C LYS G 81 0.74 -9.25 15.47
N VAL G 82 0.49 -10.51 15.80
CA VAL G 82 -0.39 -10.87 16.95
C VAL G 82 0.55 -11.05 18.16
N GLU G 83 0.35 -10.23 19.19
CA GLU G 83 1.13 -10.30 20.43
C GLU G 83 0.62 -11.55 21.21
N LYS G 84 -0.59 -11.45 21.79
CA LYS G 84 -1.18 -12.55 22.60
C LYS G 84 -2.61 -12.90 22.16
N LEU G 85 -2.96 -14.18 22.33
CA LEU G 85 -4.38 -14.64 22.31
C LEU G 85 -4.77 -15.09 23.72
N CYS G 86 -5.91 -14.63 24.25
CA CYS G 86 -6.62 -15.28 25.37
C CYS G 86 -7.58 -16.33 24.79
N VAL G 87 -7.39 -17.61 25.12
CA VAL G 87 -8.19 -18.68 24.57
C VAL G 87 -8.84 -19.51 25.71
N TRP G 88 -10.04 -20.05 25.46
CA TRP G 88 -10.57 -21.12 26.27
C TRP G 88 -9.86 -22.43 25.86
N ASN G 89 -9.23 -23.10 26.83
CA ASN G 89 -8.44 -24.31 26.54
C ASN G 89 -9.24 -25.59 26.79
N ASN G 90 -10.47 -25.49 27.26
CA ASN G 90 -11.39 -26.62 27.31
C ASN G 90 -12.11 -26.79 25.96
N LYS G 91 -11.75 -26.07 24.91
CA LYS G 91 -12.31 -26.34 23.57
C LYS G 91 -11.17 -26.79 22.66
N THR G 92 -11.52 -27.63 21.68
CA THR G 92 -10.50 -28.11 20.78
C THR G 92 -11.00 -27.92 19.35
N PRO G 93 -10.29 -27.17 18.51
CA PRO G 93 -9.11 -26.40 18.88
C PRO G 93 -9.41 -25.29 19.89
N HIS G 94 -8.37 -24.71 20.51
CA HIS G 94 -8.59 -23.67 21.52
C HIS G 94 -9.48 -22.55 20.93
N ALA G 95 -10.49 -22.10 21.70
CA ALA G 95 -11.43 -21.03 21.24
C ALA G 95 -10.96 -19.64 21.74
N ILE G 96 -10.97 -18.66 20.84
CA ILE G 96 -10.46 -17.28 21.10
C ILE G 96 -11.52 -16.47 21.86
N ALA G 97 -11.06 -15.81 22.93
CA ALA G 97 -11.83 -14.89 23.73
C ALA G 97 -11.36 -13.47 23.43
N ALA G 98 -10.06 -13.30 23.24
CA ALA G 98 -9.51 -11.98 22.99
C ALA G 98 -8.13 -12.05 22.30
N ILE G 99 -7.74 -10.93 21.69
CA ILE G 99 -6.54 -10.80 20.86
C ILE G 99 -5.89 -9.45 21.21
N SER G 100 -4.57 -9.42 21.37
CA SER G 100 -3.79 -8.23 21.39
C SER G 100 -2.79 -8.24 20.21
N MET G 101 -2.61 -7.06 19.62
CA MET G 101 -1.68 -6.77 18.52
C MET G 101 -0.84 -5.57 18.95
N ALA G 102 0.47 -5.57 18.67
CA ALA G 102 1.35 -4.48 19.10
C ALA G 102 2.62 -4.42 18.25
N THR H 1 -24.15 22.99 18.47
CA THR H 1 -23.37 21.81 17.91
C THR H 1 -21.89 22.15 17.93
N PRO H 2 -21.04 21.28 18.52
CA PRO H 2 -19.59 21.53 18.55
C PRO H 2 -18.93 21.48 17.16
N GLN H 3 -17.83 22.24 16.96
CA GLN H 3 -17.07 22.24 15.70
C GLN H 3 -15.74 21.49 15.85
N ASN H 4 -15.33 21.15 17.06
CA ASN H 4 -14.12 20.33 17.24
C ASN H 4 -14.26 19.42 18.49
N ILE H 5 -13.26 18.57 18.73
CA ILE H 5 -13.32 17.60 19.78
C ILE H 5 -13.35 18.29 21.15
N THR H 6 -12.65 19.41 21.28
CA THR H 6 -12.57 20.15 22.52
C THR H 6 -13.94 20.74 22.87
N ASP H 7 -14.58 21.41 21.89
CA ASP H 7 -15.90 21.95 22.11
C ASP H 7 -16.85 20.83 22.52
N LEU H 8 -16.78 19.67 21.88
CA LEU H 8 -17.66 18.57 22.20
C LEU H 8 -17.36 18.00 23.60
N CYS H 9 -16.09 17.78 23.88
CA CYS H 9 -15.69 17.25 25.18
C CYS H 9 -16.23 18.09 26.35
N ALA H 10 -16.26 19.42 26.18
CA ALA H 10 -16.67 20.37 27.19
C ALA H 10 -18.19 20.42 27.40
N GLU H 11 -18.97 19.58 26.73
CA GLU H 11 -20.39 19.51 26.99
C GLU H 11 -20.71 18.46 28.07
N TYR H 12 -19.73 17.69 28.53
CA TYR H 12 -19.99 16.52 29.38
C TYR H 12 -19.20 16.69 30.69
N HIS H 13 -19.79 16.25 31.80
CA HIS H 13 -19.10 16.09 33.06
C HIS H 13 -18.13 14.89 33.00
N ASN H 14 -17.08 14.98 33.79
CA ASN H 14 -16.16 13.91 34.03
C ASN H 14 -15.31 13.60 32.80
N THR H 15 -15.14 14.56 31.88
CA THR H 15 -14.37 14.31 30.69
C THR H 15 -13.03 15.00 30.81
N GLN H 16 -12.07 14.57 30.00
CA GLN H 16 -10.84 15.33 29.77
C GLN H 16 -10.30 14.97 28.39
N ILE H 17 -9.45 15.86 27.89
CA ILE H 17 -8.79 15.69 26.63
C ILE H 17 -7.36 15.17 26.86
N HIS H 18 -6.98 14.05 26.19
CA HIS H 18 -5.58 13.62 26.10
C HIS H 18 -5.04 14.01 24.72
N THR H 19 -3.90 14.71 24.74
CA THR H 19 -3.21 15.09 23.49
C THR H 19 -2.06 14.10 23.27
N LEU H 20 -2.19 13.28 22.25
CA LEU H 20 -1.25 12.27 22.07
C LEU H 20 -0.37 12.58 20.86
N ASN H 21 -0.93 13.09 19.76
CA ASN H 21 -0.18 13.23 18.49
C ASN H 21 0.70 11.99 18.23
N ASP H 22 0.12 10.80 18.29
CA ASP H 22 0.90 9.61 18.06
C ASP H 22 -0.05 8.54 17.55
N LYS H 23 0.50 7.56 16.85
CA LYS H 23 -0.28 6.36 16.49
C LYS H 23 -0.48 5.46 17.71
N ILE H 24 -1.41 4.53 17.54
CA ILE H 24 -1.71 3.52 18.57
C ILE H 24 -0.61 2.46 18.62
N PHE H 25 -0.11 2.23 19.82
CA PHE H 25 0.90 1.28 20.02
C PHE H 25 0.37 -0.15 20.04
N SER H 26 -0.76 -0.40 20.73
CA SER H 26 -1.35 -1.72 20.78
C SER H 26 -2.87 -1.59 20.75
N TYR H 27 -3.50 -2.64 20.20
CA TYR H 27 -4.90 -2.75 20.04
C TYR H 27 -5.30 -4.12 20.56
N THR H 28 -6.24 -4.16 21.50
CA THR H 28 -6.73 -5.39 22.10
C THR H 28 -8.24 -5.37 22.00
N GLU H 29 -8.82 -6.53 21.72
CA GLU H 29 -10.23 -6.71 21.48
C GLU H 29 -10.67 -8.04 22.11
N SER H 30 -11.86 -8.05 22.74
CA SER H 30 -12.41 -9.22 23.44
C SER H 30 -13.84 -9.43 22.93
N LEU H 31 -14.18 -10.70 22.63
CA LEU H 31 -15.58 -11.09 22.39
C LEU H 31 -16.23 -11.70 23.64
N ALA H 32 -15.50 -11.81 24.76
CA ALA H 32 -15.91 -12.61 25.89
C ALA H 32 -17.10 -11.95 26.61
N GLY H 33 -18.00 -12.79 27.17
CA GLY H 33 -19.34 -12.36 27.66
C GLY H 33 -19.19 -11.31 28.76
N LYS H 34 -19.82 -10.15 28.58
CA LYS H 34 -19.81 -8.96 29.53
C LYS H 34 -18.45 -8.23 29.53
N ARG H 35 -17.59 -8.53 28.55
CA ARG H 35 -16.24 -7.90 28.35
C ARG H 35 -16.07 -7.67 26.85
N GLU H 36 -17.16 -7.34 26.19
CA GLU H 36 -17.16 -7.04 24.76
C GLU H 36 -16.64 -5.61 24.56
N MET H 37 -15.33 -5.50 24.36
CA MET H 37 -14.69 -4.23 24.56
C MET H 37 -13.41 -4.17 23.73
N ALA H 38 -12.88 -2.95 23.59
CA ALA H 38 -11.54 -2.74 23.00
C ALA H 38 -10.70 -1.97 24.00
N ILE H 39 -9.41 -2.26 24.07
CA ILE H 39 -8.46 -1.46 24.86
C ILE H 39 -7.32 -1.02 23.93
N ILE H 40 -6.95 0.27 23.94
CA ILE H 40 -5.76 0.76 23.18
C ILE H 40 -4.72 1.33 24.15
N THR H 41 -3.44 1.25 23.75
CA THR H 41 -2.32 1.89 24.44
C THR H 41 -1.51 2.74 23.45
N PHE H 42 -0.72 3.68 24.00
CA PHE H 42 0.26 4.48 23.34
C PHE H 42 1.62 4.13 23.95
N LYS H 43 2.73 4.49 23.27
CA LYS H 43 4.17 4.29 23.70
C LYS H 43 4.36 4.66 25.19
N ASN H 44 3.77 5.77 25.64
CA ASN H 44 3.91 6.23 27.04
C ASN H 44 3.16 5.37 28.08
N GLY H 45 2.49 4.28 27.69
CA GLY H 45 1.77 3.39 28.65
C GLY H 45 0.29 3.73 28.87
N ALA H 46 -0.15 4.93 28.47
CA ALA H 46 -1.52 5.39 28.58
C ALA H 46 -2.46 4.38 27.91
N THR H 47 -3.53 4.02 28.65
CA THR H 47 -4.47 2.99 28.31
C THR H 47 -5.90 3.56 28.37
N PHE H 48 -6.69 3.21 27.37
CA PHE H 48 -8.07 3.68 27.15
C PHE H 48 -8.92 2.49 26.72
N GLN H 49 -10.19 2.50 27.13
CA GLN H 49 -11.13 1.48 26.70
C GLN H 49 -12.18 2.14 25.80
N VAL H 50 -12.81 1.30 24.96
CA VAL H 50 -14.17 1.55 24.59
C VAL H 50 -15.03 0.70 25.53
N GLU H 51 -15.96 1.38 26.21
CA GLU H 51 -16.86 0.78 27.21
C GLU H 51 -17.60 -0.45 26.65
N VAL H 52 -17.86 -1.39 27.53
CA VAL H 52 -18.73 -2.55 27.25
C VAL H 52 -20.17 -2.06 27.02
N PRO H 53 -20.84 -2.35 25.88
CA PRO H 53 -22.19 -1.82 25.70
C PRO H 53 -23.16 -2.64 26.55
N GLY H 54 -24.25 -2.02 26.99
CA GLY H 54 -25.05 -2.61 28.07
C GLY H 54 -26.48 -2.15 28.04
N SER H 55 -27.29 -2.71 28.95
CA SER H 55 -28.67 -2.41 29.06
C SER H 55 -28.93 -0.89 29.18
N GLN H 56 -27.99 -0.16 29.76
CA GLN H 56 -28.14 1.26 30.11
C GLN H 56 -27.63 2.18 28.97
N HIS H 57 -27.17 1.65 27.85
CA HIS H 57 -26.88 2.52 26.69
C HIS H 57 -28.12 2.64 25.78
N ILE H 58 -28.57 3.89 25.55
CA ILE H 58 -29.48 4.22 24.44
CA ILE H 58 -29.53 4.12 24.46
C ILE H 58 -28.89 3.58 23.16
N ASP H 59 -29.75 3.14 22.24
CA ASP H 59 -29.34 2.50 20.93
C ASP H 59 -28.35 3.34 20.09
N SER H 60 -28.63 4.64 20.02
CA SER H 60 -27.79 5.55 19.31
C SER H 60 -26.37 5.38 19.86
N GLN H 61 -26.25 5.21 21.18
CA GLN H 61 -24.87 5.13 21.77
C GLN H 61 -24.25 3.74 21.53
N LYS H 62 -25.08 2.68 21.54
CA LYS H 62 -24.63 1.31 21.16
C LYS H 62 -24.06 1.27 19.72
N LYS H 63 -24.77 1.81 18.71
CA LYS H 63 -24.24 1.89 17.32
C LYS H 63 -22.89 2.60 17.33
N ALA H 64 -22.80 3.76 18.01
CA ALA H 64 -21.54 4.58 17.96
C ALA H 64 -20.39 3.85 18.65
N ILE H 65 -20.66 3.08 19.72
CA ILE H 65 -19.64 2.25 20.38
C ILE H 65 -19.05 1.31 19.35
N GLU H 66 -19.91 0.72 18.49
CA GLU H 66 -19.49 -0.25 17.52
C GLU H 66 -18.61 0.46 16.45
N ARG H 67 -19.02 1.66 16.04
CA ARG H 67 -18.29 2.48 15.12
CA ARG H 67 -18.27 2.44 15.11
C ARG H 67 -16.91 2.78 15.70
N MET H 68 -16.87 3.13 16.98
CA MET H 68 -15.60 3.55 17.61
C MET H 68 -14.58 2.41 17.55
N LYS H 69 -15.01 1.19 17.78
CA LYS H 69 -14.12 0.05 17.69
C LYS H 69 -13.68 -0.15 16.23
N ASP H 70 -14.58 0.07 15.26
CA ASP H 70 -14.22 0.02 13.88
C ASP H 70 -13.08 1.02 13.64
N THR H 71 -13.25 2.26 14.12
CA THR H 71 -12.30 3.36 13.89
C THR H 71 -10.94 3.00 14.49
N LEU H 72 -10.89 2.57 15.76
CA LEU H 72 -9.59 2.32 16.48
C LEU H 72 -8.78 1.18 15.81
N ARG H 73 -9.43 0.06 15.45
CA ARG H 73 -8.83 -1.04 14.70
C ARG H 73 -8.16 -0.53 13.38
N ILE H 74 -8.89 0.22 12.53
CA ILE H 74 -8.35 0.62 11.28
C ILE H 74 -7.29 1.70 11.49
N ALA H 75 -7.52 2.61 12.45
CA ALA H 75 -6.47 3.57 12.86
C ALA H 75 -5.20 2.80 13.25
N TYR H 76 -5.35 1.77 14.08
CA TYR H 76 -4.16 1.00 14.50
C TYR H 76 -3.44 0.39 13.26
N LEU H 77 -4.23 -0.17 12.34
CA LEU H 77 -3.64 -0.93 11.25
C LEU H 77 -3.08 0.00 10.16
N THR H 78 -3.48 1.26 10.14
CA THR H 78 -2.95 2.22 9.19
C THR H 78 -1.92 3.12 9.85
N GLU H 79 -1.64 2.93 11.12
CA GLU H 79 -0.70 3.72 11.84
C GLU H 79 -1.13 5.18 11.76
N ALA H 80 -2.45 5.45 11.81
CA ALA H 80 -2.97 6.84 11.75
C ALA H 80 -2.62 7.56 13.04
N LYS H 81 -2.10 8.78 12.88
CA LYS H 81 -1.78 9.61 14.01
C LYS H 81 -3.07 10.06 14.71
N VAL H 82 -3.22 9.63 15.98
CA VAL H 82 -4.26 10.12 16.79
C VAL H 82 -3.82 11.47 17.36
N GLU H 83 -4.59 12.51 17.09
CA GLU H 83 -4.34 13.84 17.65
C GLU H 83 -4.83 13.90 19.10
N LYS H 84 -6.14 13.76 19.34
CA LYS H 84 -6.61 13.78 20.68
C LYS H 84 -7.65 12.73 20.92
N LEU H 85 -7.81 12.46 22.22
CA LEU H 85 -8.94 11.68 22.75
C LEU H 85 -9.67 12.54 23.79
N CYS H 86 -11.00 12.50 23.71
CA CYS H 86 -11.91 12.94 24.80
C CYS H 86 -12.32 11.68 25.56
N VAL H 87 -12.07 11.66 26.87
CA VAL H 87 -12.33 10.47 27.67
C VAL H 87 -13.12 10.86 28.91
N TRP H 88 -13.87 9.88 29.41
CA TRP H 88 -14.44 9.88 30.77
C TRP H 88 -13.32 9.49 31.74
N ASN H 89 -12.91 10.44 32.59
CA ASN H 89 -11.77 10.21 33.52
C ASN H 89 -12.24 9.69 34.89
N ASN H 90 -13.53 9.37 35.00
CA ASN H 90 -14.06 8.72 36.18
C ASN H 90 -14.10 7.18 35.99
N LYS H 91 -13.54 6.64 34.92
CA LYS H 91 -13.37 5.20 34.78
C LYS H 91 -11.90 4.82 34.74
N THR H 92 -11.64 3.53 34.97
CA THR H 92 -10.32 2.92 34.80
C THR H 92 -10.38 1.68 33.91
N PRO H 93 -9.61 1.65 32.81
CA PRO H 93 -8.91 2.76 32.20
C PRO H 93 -9.93 3.83 31.77
N HIS H 94 -9.46 5.08 31.51
CA HIS H 94 -10.30 6.16 30.94
C HIS H 94 -11.07 5.62 29.71
N ALA H 95 -12.36 6.01 29.57
CA ALA H 95 -13.26 5.55 28.51
C ALA H 95 -13.40 6.65 27.44
N ILE H 96 -13.15 6.25 26.17
CA ILE H 96 -13.15 7.12 24.99
C ILE H 96 -14.58 7.56 24.71
N ALA H 97 -14.73 8.87 24.63
CA ALA H 97 -15.96 9.55 24.25
C ALA H 97 -15.86 9.99 22.79
N ALA H 98 -14.69 10.48 22.36
CA ALA H 98 -14.44 11.04 21.02
C ALA H 98 -12.95 10.94 20.68
N ILE H 99 -12.67 10.92 19.39
CA ILE H 99 -11.28 10.82 18.86
C ILE H 99 -11.18 11.83 17.72
N SER H 100 -10.01 12.46 17.62
CA SER H 100 -9.67 13.30 16.46
C SER H 100 -8.34 12.81 15.88
N MET H 101 -8.25 12.89 14.56
CA MET H 101 -7.13 12.46 13.79
C MET H 101 -6.85 13.56 12.77
N ALA H 102 -5.57 13.89 12.60
CA ALA H 102 -5.18 15.07 11.83
C ALA H 102 -3.68 15.16 11.59
N ASN H 103 -3.11 14.20 10.86
CA ASN H 103 -1.66 14.26 10.53
C ASN H 103 -1.48 14.26 9.01
N THR I 1 -34.17 11.93 -11.86
CA THR I 1 -33.14 11.33 -10.98
C THR I 1 -31.79 12.00 -11.28
N PRO I 2 -31.15 12.68 -10.27
CA PRO I 2 -29.83 13.31 -10.48
C PRO I 2 -28.79 12.36 -11.10
N GLN I 3 -27.95 12.94 -11.97
CA GLN I 3 -26.82 12.28 -12.58
C GLN I 3 -25.51 12.75 -11.94
N ASN I 4 -25.58 13.78 -11.06
CA ASN I 4 -24.43 14.43 -10.43
C ASN I 4 -24.88 15.02 -9.08
N ILE I 5 -23.96 15.65 -8.35
CA ILE I 5 -24.18 16.15 -6.98
C ILE I 5 -24.76 17.55 -6.98
N THR I 6 -24.34 18.37 -7.94
CA THR I 6 -24.85 19.71 -8.09
C THR I 6 -26.39 19.66 -8.26
N ASP I 7 -26.87 18.75 -9.12
CA ASP I 7 -28.29 18.64 -9.53
C ASP I 7 -29.08 18.10 -8.33
N LEU I 8 -28.55 17.03 -7.72
CA LEU I 8 -29.13 16.45 -6.47
C LEU I 8 -29.33 17.56 -5.42
N CYS I 9 -28.30 18.41 -5.23
CA CYS I 9 -28.27 19.38 -4.15
C CYS I 9 -29.36 20.41 -4.37
N ALA I 10 -29.55 20.78 -5.65
CA ALA I 10 -30.49 21.83 -6.06
C ALA I 10 -31.92 21.44 -5.69
N GLU I 11 -32.19 20.13 -5.54
CA GLU I 11 -33.55 19.63 -5.24
C GLU I 11 -34.00 20.00 -3.82
N TYR I 12 -33.06 20.44 -2.96
CA TYR I 12 -33.38 20.68 -1.54
C TYR I 12 -33.38 22.20 -1.22
N HIS I 13 -34.18 22.55 -0.20
CA HIS I 13 -34.20 23.86 0.52
C HIS I 13 -32.97 23.98 1.44
N ASN I 14 -32.51 25.22 1.65
CA ASN I 14 -31.34 25.56 2.51
C ASN I 14 -30.13 24.63 2.22
N THR I 15 -29.80 24.37 0.93
CA THR I 15 -28.60 23.62 0.52
C THR I 15 -27.71 24.38 -0.48
N GLN I 16 -26.38 24.15 -0.37
CA GLN I 16 -25.38 24.72 -1.27
C GLN I 16 -24.22 23.75 -1.41
N ILE I 17 -23.49 23.88 -2.53
CA ILE I 17 -22.36 23.09 -2.89
C ILE I 17 -21.10 23.88 -2.50
N HIS I 18 -20.22 23.28 -1.68
CA HIS I 18 -18.82 23.69 -1.57
C HIS I 18 -18.01 22.81 -2.51
N THR I 19 -17.13 23.43 -3.31
CA THR I 19 -16.11 22.73 -4.06
C THR I 19 -14.78 22.86 -3.31
N LEU I 20 -14.28 21.72 -2.82
CA LEU I 20 -13.05 21.69 -2.01
C LEU I 20 -11.85 21.33 -2.91
N ASN I 21 -11.95 20.27 -3.73
CA ASN I 21 -10.84 19.75 -4.54
C ASN I 21 -9.60 19.57 -3.64
N ASP I 22 -9.84 18.95 -2.50
CA ASP I 22 -8.81 18.81 -1.47
C ASP I 22 -9.19 17.61 -0.58
N LYS I 23 -8.17 16.95 -0.02
CA LYS I 23 -8.36 15.86 0.89
C LYS I 23 -8.75 16.41 2.25
N ILE I 24 -9.36 15.57 3.09
CA ILE I 24 -9.79 15.98 4.41
C ILE I 24 -8.58 16.21 5.33
N PHE I 25 -8.54 17.34 6.03
CA PHE I 25 -7.47 17.70 6.94
C PHE I 25 -7.63 16.99 8.28
N SER I 26 -8.86 16.93 8.82
CA SER I 26 -9.07 16.17 10.11
C SER I 26 -10.42 15.45 10.12
N TYR I 27 -10.41 14.27 10.76
CA TYR I 27 -11.60 13.51 11.02
C TYR I 27 -11.76 13.35 12.52
N THR I 28 -12.95 13.72 13.02
CA THR I 28 -13.33 13.60 14.44
C THR I 28 -14.62 12.82 14.55
N GLU I 29 -14.68 11.93 15.56
CA GLU I 29 -15.83 11.08 15.75
C GLU I 29 -16.13 10.97 17.25
N SER I 30 -17.41 11.07 17.58
CA SER I 30 -17.95 11.02 18.95
C SER I 30 -18.97 9.89 19.10
N LEU I 31 -18.90 9.19 20.23
CA LEU I 31 -19.93 8.23 20.70
C LEU I 31 -20.70 8.75 21.93
N ALA I 32 -20.35 9.96 22.39
CA ALA I 32 -21.00 10.68 23.49
C ALA I 32 -22.51 10.79 23.23
N GLY I 33 -23.30 10.54 24.29
CA GLY I 33 -24.77 10.49 24.25
C GLY I 33 -25.35 11.78 23.71
N LYS I 34 -26.18 11.70 22.65
CA LYS I 34 -26.76 12.89 21.96
C LYS I 34 -25.73 13.65 21.09
N ARG I 35 -24.50 13.18 20.96
CA ARG I 35 -23.51 13.77 20.04
C ARG I 35 -22.80 12.68 19.22
N GLU I 36 -23.54 11.68 18.74
CA GLU I 36 -23.04 10.58 17.95
C GLU I 36 -22.96 11.09 16.52
N MET I 37 -21.77 11.61 16.18
CA MET I 37 -21.54 12.46 15.05
C MET I 37 -20.06 12.42 14.65
N ALA I 38 -19.80 12.84 13.40
CA ALA I 38 -18.45 13.00 12.90
C ALA I 38 -18.35 14.45 12.43
N ILE I 39 -17.14 15.00 12.55
CA ILE I 39 -16.80 16.36 12.11
C ILE I 39 -15.53 16.26 11.28
N ILE I 40 -15.56 16.85 10.09
CA ILE I 40 -14.38 16.90 9.20
C ILE I 40 -14.05 18.36 8.94
N THR I 41 -12.75 18.63 8.81
CA THR I 41 -12.31 19.93 8.36
C THR I 41 -11.38 19.77 7.19
N PHE I 42 -11.17 20.90 6.51
CA PHE I 42 -10.29 21.04 5.38
C PHE I 42 -9.32 22.16 5.69
N LYS I 43 -8.18 22.09 5.03
CA LYS I 43 -7.06 22.94 5.27
C LYS I 43 -7.49 24.40 5.14
N ASN I 44 -8.55 24.70 4.37
CA ASN I 44 -8.91 26.10 4.14
C ASN I 44 -9.73 26.66 5.32
N GLY I 45 -10.04 25.80 6.30
CA GLY I 45 -10.69 26.17 7.55
C GLY I 45 -12.15 25.74 7.64
N ALA I 46 -12.71 25.25 6.53
CA ALA I 46 -14.09 24.85 6.48
C ALA I 46 -14.26 23.58 7.30
N THR I 47 -15.38 23.56 8.06
CA THR I 47 -15.77 22.51 8.96
C THR I 47 -17.20 22.09 8.61
N PHE I 48 -17.47 20.77 8.71
CA PHE I 48 -18.72 20.13 8.34
C PHE I 48 -19.05 18.96 9.28
N GLN I 49 -20.35 18.72 9.46
CA GLN I 49 -20.85 17.69 10.37
C GLN I 49 -21.67 16.67 9.56
N VAL I 50 -21.65 15.41 10.03
CA VAL I 50 -22.75 14.53 9.82
C VAL I 50 -23.60 14.64 11.10
N GLU I 51 -24.88 14.93 10.90
CA GLU I 51 -25.79 15.26 11.98
C GLU I 51 -26.01 14.02 12.82
N VAL I 52 -26.36 14.28 14.07
CA VAL I 52 -26.78 13.22 14.98
C VAL I 52 -28.09 12.64 14.49
N PRO I 53 -28.25 11.30 14.46
CA PRO I 53 -29.54 10.71 14.12
C PRO I 53 -30.43 10.81 15.39
N GLY I 54 -31.58 11.47 15.26
CA GLY I 54 -32.52 11.62 16.35
C GLY I 54 -33.83 10.90 16.06
N SER I 55 -34.84 11.22 16.88
CA SER I 55 -36.28 11.00 16.60
C SER I 55 -36.62 11.38 15.14
N GLN I 56 -36.18 12.57 14.72
CA GLN I 56 -36.41 13.09 13.34
C GLN I 56 -36.04 12.06 12.25
N HIS I 57 -34.97 11.28 12.44
CA HIS I 57 -34.52 10.32 11.42
C HIS I 57 -35.31 9.00 11.57
N ILE I 58 -35.79 8.44 10.45
CA ILE I 58 -36.27 7.02 10.36
C ILE I 58 -35.08 6.15 9.89
N ASP I 59 -35.32 4.86 9.62
CA ASP I 59 -34.27 3.83 9.49
C ASP I 59 -33.36 4.08 8.28
N SER I 60 -33.93 4.31 7.08
CA SER I 60 -33.18 4.51 5.78
C SER I 60 -32.31 5.78 5.81
N GLN I 61 -32.80 6.83 6.48
CA GLN I 61 -31.97 7.98 6.74
C GLN I 61 -30.86 7.61 7.75
N LYS I 62 -31.21 6.90 8.83
CA LYS I 62 -30.21 6.50 9.84
C LYS I 62 -29.07 5.71 9.14
N LYS I 63 -29.45 4.88 8.17
CA LYS I 63 -28.58 3.97 7.50
C LYS I 63 -27.60 4.73 6.58
N ALA I 64 -28.11 5.70 5.84
CA ALA I 64 -27.31 6.53 4.99
C ALA I 64 -26.40 7.42 5.84
N ILE I 65 -26.85 7.84 7.02
CA ILE I 65 -26.00 8.63 7.93
C ILE I 65 -24.80 7.76 8.34
N GLU I 66 -25.07 6.50 8.76
CA GLU I 66 -24.02 5.59 9.16
C GLU I 66 -23.01 5.42 8.00
N ARG I 67 -23.52 5.30 6.76
CA ARG I 67 -22.63 5.02 5.64
C ARG I 67 -21.81 6.28 5.36
N MET I 68 -22.42 7.49 5.40
CA MET I 68 -21.67 8.70 5.18
C MET I 68 -20.44 8.82 6.12
N LYS I 69 -20.64 8.58 7.40
CA LYS I 69 -19.53 8.64 8.37
C LYS I 69 -18.46 7.60 8.01
N ASP I 70 -18.87 6.38 7.64
CA ASP I 70 -17.99 5.35 7.17
C ASP I 70 -17.16 5.87 5.96
N THR I 71 -17.83 6.52 5.00
CA THR I 71 -17.19 7.11 3.85
C THR I 71 -16.17 8.20 4.20
N LEU I 72 -16.54 9.16 5.06
CA LEU I 72 -15.61 10.20 5.52
C LEU I 72 -14.39 9.57 6.21
N ARG I 73 -14.56 8.52 7.03
CA ARG I 73 -13.38 7.92 7.73
C ARG I 73 -12.39 7.34 6.69
N ILE I 74 -12.83 6.51 5.72
CA ILE I 74 -11.91 5.87 4.77
CA ILE I 74 -11.92 5.86 4.76
C ILE I 74 -11.43 6.89 3.72
N ALA I 75 -12.22 7.93 3.40
CA ALA I 75 -11.69 9.04 2.61
C ALA I 75 -10.54 9.73 3.34
N TYR I 76 -10.73 10.06 4.60
CA TYR I 76 -9.61 10.67 5.37
C TYR I 76 -8.38 9.74 5.30
N LEU I 77 -8.57 8.45 5.61
CA LEU I 77 -7.47 7.52 5.80
C LEU I 77 -6.76 7.22 4.49
N THR I 78 -7.45 7.39 3.36
CA THR I 78 -6.85 7.16 2.06
C THR I 78 -6.34 8.48 1.47
N GLU I 79 -6.57 9.63 2.13
CA GLU I 79 -6.23 10.94 1.54
C GLU I 79 -6.92 11.09 0.19
N ALA I 80 -8.17 10.68 0.11
CA ALA I 80 -8.92 10.81 -1.18
C ALA I 80 -9.31 12.26 -1.35
N LYS I 81 -9.07 12.81 -2.53
CA LYS I 81 -9.56 14.15 -2.87
C LYS I 81 -11.09 14.21 -2.84
N VAL I 82 -11.65 15.16 -2.08
CA VAL I 82 -13.04 15.42 -2.09
C VAL I 82 -13.28 16.52 -3.14
N GLU I 83 -14.18 16.25 -4.08
CA GLU I 83 -14.53 17.24 -5.09
C GLU I 83 -15.46 18.27 -4.44
N LYS I 84 -16.69 17.84 -4.08
CA LYS I 84 -17.77 18.73 -3.65
C LYS I 84 -18.46 18.13 -2.43
N LEU I 85 -18.94 19.00 -1.53
CA LEU I 85 -19.97 18.61 -0.56
C LEU I 85 -21.27 19.36 -0.85
N CYS I 86 -22.41 18.65 -0.85
CA CYS I 86 -23.70 19.30 -0.73
C CYS I 86 -24.04 19.41 0.76
N VAL I 87 -24.29 20.62 1.26
CA VAL I 87 -24.50 20.79 2.66
C VAL I 87 -25.79 21.56 2.85
N TRP I 88 -26.39 21.34 4.04
CA TRP I 88 -27.41 22.17 4.63
C TRP I 88 -26.75 23.35 5.36
N ASN I 89 -27.03 24.58 4.92
CA ASN I 89 -26.29 25.76 5.42
C ASN I 89 -27.09 26.56 6.45
N ASN I 90 -28.21 26.02 6.93
CA ASN I 90 -28.97 26.59 8.08
C ASN I 90 -28.57 25.87 9.38
N LYS I 91 -27.46 25.13 9.37
CA LYS I 91 -26.90 24.52 10.56
C LYS I 91 -25.44 24.99 10.67
N THR I 92 -24.91 24.97 11.89
CA THR I 92 -23.55 25.36 12.19
C THR I 92 -22.88 24.24 12.98
N PRO I 93 -21.78 23.68 12.48
CA PRO I 93 -21.32 23.80 11.12
C PRO I 93 -22.30 23.23 10.09
N HIS I 94 -22.07 23.53 8.81
CA HIS I 94 -22.94 23.02 7.76
C HIS I 94 -22.94 21.48 7.81
N ALA I 95 -24.07 20.89 7.43
CA ALA I 95 -24.32 19.50 7.59
C ALA I 95 -24.33 18.83 6.21
N ILE I 96 -23.60 17.71 6.12
CA ILE I 96 -23.39 17.01 4.83
C ILE I 96 -24.66 16.24 4.44
N ALA I 97 -25.13 16.54 3.23
CA ALA I 97 -26.18 15.82 2.54
C ALA I 97 -25.58 14.82 1.55
N ALA I 98 -24.45 15.20 0.88
CA ALA I 98 -23.86 14.40 -0.15
C ALA I 98 -22.40 14.78 -0.34
N ILE I 99 -21.63 13.84 -0.91
CA ILE I 99 -20.21 14.01 -1.18
C ILE I 99 -19.89 13.48 -2.58
N SER I 100 -18.95 14.12 -3.26
CA SER I 100 -18.43 13.56 -4.53
C SER I 100 -16.93 13.52 -4.44
N MET I 101 -16.32 12.46 -4.98
CA MET I 101 -14.84 12.29 -5.01
C MET I 101 -14.42 11.95 -6.44
N ALA I 102 -13.31 12.53 -6.93
CA ALA I 102 -12.78 12.34 -8.33
C ALA I 102 -11.23 12.49 -8.33
N ASN I 103 -10.48 11.62 -9.03
CA ASN I 103 -9.00 11.47 -8.74
C ASN I 103 -8.37 12.87 -8.68
N THR J 1 -28.48 -21.17 -12.89
CA THR J 1 -27.35 -20.43 -12.25
C THR J 1 -26.28 -20.03 -13.28
N PRO J 2 -26.08 -18.72 -13.50
CA PRO J 2 -24.93 -18.23 -14.28
C PRO J 2 -23.50 -18.59 -13.81
N GLN J 3 -22.55 -18.71 -14.75
CA GLN J 3 -21.14 -18.97 -14.47
C GLN J 3 -20.33 -17.67 -14.68
N ASN J 4 -21.03 -16.62 -15.16
CA ASN J 4 -20.45 -15.31 -15.42
C ASN J 4 -21.58 -14.29 -15.58
N ILE J 5 -21.21 -13.01 -15.63
CA ILE J 5 -22.12 -11.88 -15.45
C ILE J 5 -22.99 -11.70 -16.69
N THR J 6 -22.46 -12.08 -17.86
CA THR J 6 -23.16 -11.92 -19.15
C THR J 6 -24.41 -12.80 -19.14
N ASP J 7 -24.23 -14.07 -18.79
CA ASP J 7 -25.31 -15.07 -18.71
C ASP J 7 -26.28 -14.70 -17.59
N LEU J 8 -25.77 -14.19 -16.46
CA LEU J 8 -26.65 -13.66 -15.41
C LEU J 8 -27.50 -12.51 -15.95
N CYS J 9 -26.85 -11.52 -16.57
CA CYS J 9 -27.54 -10.32 -17.13
C CYS J 9 -28.63 -10.70 -18.14
N ALA J 10 -28.40 -11.79 -18.92
CA ALA J 10 -29.32 -12.21 -20.00
C ALA J 10 -30.57 -12.91 -19.44
N GLU J 11 -30.56 -13.24 -18.13
CA GLU J 11 -31.72 -13.80 -17.43
C GLU J 11 -32.78 -12.71 -17.17
N TYR J 12 -32.43 -11.42 -17.28
CA TYR J 12 -33.36 -10.35 -16.93
C TYR J 12 -33.82 -9.69 -18.24
N HIS J 13 -35.03 -9.12 -18.21
CA HIS J 13 -35.54 -8.18 -19.18
C HIS J 13 -34.98 -6.79 -18.85
N ASN J 14 -34.86 -5.91 -19.86
CA ASN J 14 -34.50 -4.52 -19.62
C ASN J 14 -33.09 -4.38 -19.00
N THR J 15 -32.24 -5.40 -19.21
CA THR J 15 -30.82 -5.38 -18.79
C THR J 15 -29.88 -5.56 -19.99
N GLN J 16 -28.70 -4.92 -19.92
CA GLN J 16 -27.60 -5.01 -20.90
C GLN J 16 -26.22 -4.98 -20.18
N ILE J 17 -25.19 -5.50 -20.84
CA ILE J 17 -23.80 -5.41 -20.40
C ILE J 17 -23.22 -4.07 -20.88
N HIS J 18 -22.45 -3.40 -20.00
CA HIS J 18 -21.39 -2.44 -20.37
C HIS J 18 -20.00 -2.99 -20.02
N THR J 19 -19.09 -2.84 -20.99
CA THR J 19 -17.72 -3.25 -20.90
C THR J 19 -16.86 -1.99 -20.79
N LEU J 20 -16.42 -1.71 -19.56
CA LEU J 20 -15.59 -0.52 -19.25
C LEU J 20 -14.09 -0.84 -19.30
N ASN J 21 -13.70 -1.99 -18.75
CA ASN J 21 -12.30 -2.36 -18.48
C ASN J 21 -11.53 -1.10 -18.03
N ASP J 22 -11.96 -0.50 -16.92
CA ASP J 22 -11.39 0.80 -16.47
C ASP J 22 -11.80 0.99 -15.01
N LYS J 23 -11.04 1.84 -14.32
CA LYS J 23 -11.32 2.26 -12.97
CA LYS J 23 -11.40 2.17 -12.96
C LYS J 23 -12.50 3.24 -12.97
N ILE J 24 -13.20 3.33 -11.83
CA ILE J 24 -14.23 4.32 -11.56
C ILE J 24 -13.57 5.69 -11.52
N PHE J 25 -14.18 6.64 -12.26
CA PHE J 25 -13.67 8.00 -12.39
C PHE J 25 -14.17 8.83 -11.22
N SER J 26 -15.45 8.70 -10.88
CA SER J 26 -15.97 9.51 -9.77
C SER J 26 -17.01 8.69 -8.99
N TYR J 27 -17.03 8.86 -7.67
CA TYR J 27 -17.99 8.22 -6.70
C TYR J 27 -18.74 9.34 -5.97
N THR J 28 -20.08 9.32 -6.01
CA THR J 28 -20.89 10.32 -5.33
C THR J 28 -21.88 9.52 -4.44
N GLU J 29 -22.13 10.01 -3.21
CA GLU J 29 -23.02 9.35 -2.24
C GLU J 29 -23.82 10.41 -1.48
N SER J 30 -25.10 10.11 -1.22
CA SER J 30 -26.10 11.05 -0.71
C SER J 30 -26.86 10.45 0.48
N LEU J 31 -27.13 11.25 1.50
CA LEU J 31 -27.98 10.78 2.60
C LEU J 31 -29.25 11.63 2.68
N ALA J 32 -29.45 12.51 1.67
CA ALA J 32 -30.68 13.33 1.51
C ALA J 32 -31.92 12.43 1.33
N GLY J 33 -32.99 12.73 2.04
CA GLY J 33 -34.22 11.89 2.01
C GLY J 33 -34.72 11.63 0.60
N LYS J 34 -35.05 10.36 0.30
CA LYS J 34 -35.55 9.85 -1.01
C LYS J 34 -34.45 9.92 -2.09
N ARG J 35 -33.22 10.29 -1.71
CA ARG J 35 -32.04 10.23 -2.59
C ARG J 35 -30.88 9.52 -1.84
N GLU J 36 -31.21 8.45 -1.12
CA GLU J 36 -30.24 7.58 -0.44
C GLU J 36 -29.65 6.64 -1.49
N MET J 37 -28.61 7.13 -2.17
CA MET J 37 -28.12 6.52 -3.38
C MET J 37 -26.63 6.81 -3.59
N ALA J 38 -26.03 6.04 -4.51
CA ALA J 38 -24.68 6.20 -5.01
C ALA J 38 -24.72 6.45 -6.53
N ILE J 39 -23.83 7.33 -6.98
CA ILE J 39 -23.66 7.54 -8.45
C ILE J 39 -22.19 7.29 -8.81
N ILE J 40 -21.92 6.41 -9.77
CA ILE J 40 -20.57 6.40 -10.33
C ILE J 40 -20.53 6.90 -11.78
N THR J 41 -19.37 7.42 -12.20
CA THR J 41 -19.12 7.77 -13.61
C THR J 41 -17.78 7.18 -14.04
N PHE J 42 -17.63 6.99 -15.34
CA PHE J 42 -16.36 6.61 -15.95
C PHE J 42 -15.85 7.76 -16.81
N LYS J 43 -14.55 7.77 -17.12
CA LYS J 43 -13.95 8.86 -17.94
C LYS J 43 -14.71 9.04 -19.27
N ASN J 44 -15.33 7.97 -19.78
CA ASN J 44 -16.09 7.98 -21.07
C ASN J 44 -17.38 8.82 -20.99
N GLY J 45 -17.76 9.26 -19.79
CA GLY J 45 -19.03 9.97 -19.62
C GLY J 45 -20.11 9.06 -19.02
N ALA J 46 -19.88 7.74 -19.03
CA ALA J 46 -20.92 6.75 -18.69
C ALA J 46 -21.20 6.83 -17.19
N THR J 47 -22.47 7.07 -16.86
CA THR J 47 -22.93 7.28 -15.48
C THR J 47 -23.91 6.18 -15.05
N PHE J 48 -23.82 5.77 -13.77
CA PHE J 48 -24.71 4.72 -13.25
C PHE J 48 -25.07 4.96 -11.79
N GLN J 49 -26.33 4.63 -11.42
CA GLN J 49 -26.78 4.71 -10.03
C GLN J 49 -26.84 3.33 -9.38
N VAL J 50 -26.70 3.35 -8.04
CA VAL J 50 -27.38 2.35 -7.22
C VAL J 50 -28.65 3.01 -6.71
N GLU J 51 -29.78 2.38 -7.03
CA GLU J 51 -31.12 2.92 -6.68
C GLU J 51 -31.31 3.12 -5.17
N VAL J 52 -32.01 4.20 -4.82
CA VAL J 52 -32.73 4.31 -3.53
C VAL J 52 -33.46 3.00 -3.25
N PRO J 53 -33.24 2.34 -2.08
CA PRO J 53 -33.99 1.14 -1.72
C PRO J 53 -35.49 1.44 -1.82
N GLY J 54 -36.21 0.57 -2.55
CA GLY J 54 -37.46 0.94 -3.16
C GLY J 54 -38.49 -0.17 -3.05
N SER J 55 -39.76 0.23 -2.93
CA SER J 55 -40.89 -0.65 -2.68
C SER J 55 -41.08 -1.69 -3.80
N GLN J 56 -40.30 -1.57 -4.88
CA GLN J 56 -40.26 -2.47 -6.02
C GLN J 56 -39.01 -3.38 -5.95
N HIS J 57 -38.26 -3.33 -4.83
CA HIS J 57 -37.17 -4.26 -4.53
C HIS J 57 -37.69 -5.29 -3.52
N ILE J 58 -37.29 -6.56 -3.69
CA ILE J 58 -37.56 -7.58 -2.70
C ILE J 58 -36.56 -7.39 -1.55
N ASP J 59 -36.78 -8.13 -0.46
CA ASP J 59 -35.98 -8.02 0.78
C ASP J 59 -34.51 -8.34 0.51
N SER J 60 -34.29 -9.50 -0.13
CA SER J 60 -32.96 -9.93 -0.48
C SER J 60 -32.27 -8.83 -1.29
N GLN J 61 -33.04 -8.09 -2.11
CA GLN J 61 -32.43 -7.05 -2.97
C GLN J 61 -31.93 -5.86 -2.14
N LYS J 62 -32.71 -5.45 -1.13
CA LYS J 62 -32.37 -4.40 -0.14
C LYS J 62 -30.94 -4.61 0.41
N LYS J 63 -30.68 -5.84 0.82
CA LYS J 63 -29.45 -6.16 1.46
C LYS J 63 -28.28 -6.03 0.48
N ALA J 64 -28.50 -6.46 -0.76
CA ALA J 64 -27.51 -6.61 -1.78
C ALA J 64 -27.14 -5.23 -2.35
N ILE J 65 -28.06 -4.27 -2.23
CA ILE J 65 -27.88 -2.84 -2.57
C ILE J 65 -26.82 -2.24 -1.62
N GLU J 66 -26.96 -2.55 -0.34
CA GLU J 66 -25.98 -2.06 0.67
C GLU J 66 -24.59 -2.60 0.33
N ARG J 67 -24.52 -3.89 0.05
CA ARG J 67 -23.29 -4.50 -0.30
C ARG J 67 -22.72 -3.75 -1.53
N MET J 68 -23.56 -3.46 -2.54
CA MET J 68 -23.08 -2.97 -3.79
C MET J 68 -22.49 -1.56 -3.56
N LYS J 69 -23.12 -0.76 -2.68
CA LYS J 69 -22.60 0.61 -2.41
C LYS J 69 -21.24 0.51 -1.70
N ASP J 70 -21.13 -0.44 -0.78
CA ASP J 70 -19.82 -0.80 -0.18
C ASP J 70 -18.79 -1.16 -1.25
N THR J 71 -19.18 -1.99 -2.22
CA THR J 71 -18.31 -2.45 -3.25
C THR J 71 -17.82 -1.27 -4.09
N LEU J 72 -18.72 -0.39 -4.55
CA LEU J 72 -18.32 0.69 -5.43
C LEU J 72 -17.41 1.68 -4.70
N ARG J 73 -17.75 2.04 -3.46
CA ARG J 73 -16.85 2.90 -2.66
C ARG J 73 -15.43 2.28 -2.62
N ILE J 74 -15.30 1.00 -2.27
CA ILE J 74 -13.96 0.47 -2.07
C ILE J 74 -13.29 0.26 -3.44
N ALA J 75 -14.08 0.00 -4.50
CA ALA J 75 -13.50 -0.19 -5.82
C ALA J 75 -12.89 1.14 -6.30
N TYR J 76 -13.58 2.24 -6.01
CA TYR J 76 -13.15 3.61 -6.36
C TYR J 76 -11.82 3.92 -5.64
N LEU J 77 -11.79 3.73 -4.33
CA LEU J 77 -10.66 4.08 -3.50
C LEU J 77 -9.48 3.17 -3.76
N THR J 78 -9.68 1.96 -4.30
CA THR J 78 -8.54 1.11 -4.67
C THR J 78 -8.18 1.23 -6.16
N GLU J 79 -8.91 2.02 -6.97
CA GLU J 79 -8.71 2.13 -8.44
C GLU J 79 -8.83 0.75 -9.08
N ALA J 80 -9.73 -0.09 -8.56
CA ALA J 80 -9.98 -1.43 -9.06
C ALA J 80 -10.62 -1.29 -10.45
N LYS J 81 -10.08 -2.03 -11.42
CA LYS J 81 -10.66 -2.01 -12.71
C LYS J 81 -12.01 -2.73 -12.68
N VAL J 82 -13.05 -2.02 -13.13
CA VAL J 82 -14.32 -2.57 -13.48
C VAL J 82 -14.27 -3.21 -14.87
N GLU J 83 -14.54 -4.52 -14.96
CA GLU J 83 -14.51 -5.24 -16.22
C GLU J 83 -15.85 -4.96 -16.92
N LYS J 84 -16.97 -5.46 -16.37
CA LYS J 84 -18.33 -5.20 -16.93
C LYS J 84 -19.30 -4.79 -15.83
N LEU J 85 -20.29 -3.97 -16.21
CA LEU J 85 -21.51 -3.78 -15.40
C LEU J 85 -22.69 -4.45 -16.14
N CYS J 86 -23.65 -4.96 -15.35
CA CYS J 86 -25.02 -5.27 -15.81
C CYS J 86 -25.96 -4.21 -15.21
N VAL J 87 -26.74 -3.57 -16.05
CA VAL J 87 -27.52 -2.45 -15.64
C VAL J 87 -28.97 -2.67 -16.12
N TRP J 88 -29.93 -2.08 -15.40
CA TRP J 88 -31.24 -1.83 -15.94
C TRP J 88 -31.16 -0.59 -16.83
N ASN J 89 -31.51 -0.81 -18.12
CA ASN J 89 -31.32 0.13 -19.19
C ASN J 89 -32.63 0.86 -19.44
N ASN J 90 -33.58 0.69 -18.52
CA ASN J 90 -34.89 1.33 -18.52
C ASN J 90 -35.01 2.22 -17.28
N LYS J 91 -33.87 2.67 -16.77
CA LYS J 91 -33.74 3.71 -15.75
C LYS J 91 -32.75 4.77 -16.33
N THR J 92 -32.80 5.98 -15.73
CA THR J 92 -31.90 7.10 -16.01
C THR J 92 -31.42 7.73 -14.70
N PRO J 93 -30.14 7.61 -14.32
CA PRO J 93 -29.10 6.86 -14.97
C PRO J 93 -29.52 5.36 -14.98
N HIS J 94 -28.87 4.58 -15.87
CA HIS J 94 -28.93 3.14 -15.82
C HIS J 94 -28.48 2.68 -14.40
N ALA J 95 -29.26 1.74 -13.84
CA ALA J 95 -29.14 1.33 -12.42
C ALA J 95 -28.40 0.00 -12.37
N ILE J 96 -27.43 -0.12 -11.45
CA ILE J 96 -26.55 -1.27 -11.48
C ILE J 96 -27.35 -2.46 -10.97
N ALA J 97 -27.20 -3.61 -11.66
CA ALA J 97 -27.73 -4.94 -11.29
C ALA J 97 -26.61 -5.85 -10.75
N ALA J 98 -25.43 -5.75 -11.39
CA ALA J 98 -24.31 -6.66 -11.23
C ALA J 98 -23.03 -5.93 -11.66
N ILE J 99 -21.89 -6.35 -11.11
CA ILE J 99 -20.58 -5.90 -11.49
C ILE J 99 -19.62 -7.08 -11.53
N SER J 100 -18.66 -7.00 -12.46
CA SER J 100 -17.47 -7.81 -12.42
C SER J 100 -16.22 -6.91 -12.44
N MET J 101 -15.20 -7.34 -11.68
CA MET J 101 -13.88 -6.79 -11.65
C MET J 101 -12.90 -7.93 -11.95
N ALA J 102 -11.82 -7.62 -12.68
CA ALA J 102 -10.81 -8.62 -13.10
C ALA J 102 -9.46 -7.92 -13.35
N ASN J 103 -8.34 -8.52 -12.93
N ASN J 103 -8.37 -8.65 -13.03
CA ASN J 103 -6.99 -7.92 -13.20
CA ASN J 103 -7.00 -8.40 -13.51
C ASN J 103 -6.80 -7.92 -14.73
C ASN J 103 -6.00 -9.37 -12.84
CA CA K . -5.97 8.06 -6.95
N1 BCN L . -1.20 5.30 -10.12
C1 BCN L . -1.07 4.44 -11.32
C2 BCN L . -2.34 4.53 -12.15
O21 BCN L . -2.27 4.33 -13.36
O22 BCN L . -3.41 4.83 -11.57
C3 BCN L . -0.65 4.63 -8.92
C4 BCN L . -1.79 4.02 -8.14
O4 BCN L . -2.57 5.12 -7.66
C5 BCN L . -0.52 6.60 -10.29
C6 BCN L . -1.21 7.49 -11.30
O6 BCN L . -2.29 8.08 -10.61
C1 FUL M . 2.50 24.48 -21.75
C2 FUL M . 3.70 24.40 -22.69
O2 FUL M . 3.22 24.26 -24.03
C3 FUL M . 4.53 25.68 -22.49
O3 FUL M . 5.68 25.62 -23.35
C4 FUL M . 4.94 25.84 -21.03
O4 FUL M . 5.88 24.79 -20.73
C5 FUL M . 3.69 25.77 -20.15
C6 FUL M . 3.99 25.83 -18.65
O5 FUL M . 2.97 24.57 -20.43
O1 FUL M . 1.76 23.28 -21.87
CA CA N . -3.66 6.15 -9.60
N1 BCN O . -7.66 7.54 -4.94
C1 BCN O . -7.98 8.79 -4.22
C2 BCN O . -7.57 10.00 -5.02
O21 BCN O . -8.21 11.05 -4.79
O22 BCN O . -6.64 9.88 -5.88
C3 BCN O . -7.07 6.52 -4.07
C4 BCN O . -5.57 6.76 -4.05
O4 BCN O . -4.99 6.56 -5.35
C5 BCN O . -8.81 6.97 -5.66
C6 BCN O . -9.27 7.81 -6.84
O6 BCN O . -8.30 7.77 -7.90
N1 BCN P . 2.07 11.48 0.42
C1 BCN P . 1.87 12.33 -0.77
C2 BCN P . 0.97 13.51 -0.54
O21 BCN P . 1.06 14.42 -1.34
O22 BCN P . 0.17 13.54 0.42
C3 BCN P . 2.01 10.06 0.05
C4 BCN P . 1.31 9.29 1.17
O4 BCN P . 0.22 10.08 1.68
C5 BCN P . 3.35 11.75 1.07
C6 BCN P . 3.44 13.14 1.70
O6 BCN P . 2.47 13.36 2.74
C1 FUL Q . 34.49 5.08 17.55
C2 FUL Q . 35.58 4.83 18.60
O2 FUL Q . 36.66 4.08 18.04
C3 FUL Q . 36.12 6.13 19.18
O3 FUL Q . 36.85 5.74 20.35
C4 FUL Q . 35.01 7.14 19.52
O4 FUL Q . 34.52 6.85 20.84
C5 FUL Q . 33.82 7.17 18.52
C6 FUL Q . 32.56 7.88 19.06
O5 FUL Q . 33.44 5.84 18.15
CA CA R . -1.10 10.76 5.84
C1 FUL S . 14.87 27.42 10.36
C2 FUL S . 16.04 27.91 9.53
O2 FUL S . 15.77 29.19 8.99
C3 FUL S . 17.26 27.99 10.42
O3 FUL S . 18.31 28.45 9.58
C4 FUL S . 17.58 26.61 11.00
O4 FUL S . 17.96 25.71 9.96
C5 FUL S . 16.35 26.11 11.75
C6 FUL S . 16.54 24.70 12.26
O5 FUL S . 15.21 26.13 10.88
O1 FUL S . 13.74 27.31 9.51
N1 BCN T . -3.02 9.35 6.93
C1 BCN T . -2.81 9.06 8.36
C2 BCN T . -1.76 9.94 8.96
O21 BCN T . -0.93 10.52 8.24
O22 BCN T . -1.80 10.06 10.19
C3 BCN T . -3.12 8.07 6.19
C4 BCN T . -1.71 7.62 5.83
O4 BCN T . -1.13 8.68 5.04
C5 BCN T . -4.24 10.14 6.65
C6 BCN T . -4.11 11.58 7.04
O6 BCN T . -3.07 12.18 6.26
CA CA U . 0.28 12.08 2.36
C1 FUL V . 31.16 -23.44 -2.48
C2 FUL V . 31.64 -24.88 -2.42
O2 FUL V . 32.37 -25.23 -3.58
C3 FUL V . 32.58 -25.13 -1.26
O3 FUL V . 32.80 -26.55 -1.22
C4 FUL V . 31.96 -24.65 0.05
O4 FUL V . 30.95 -25.63 0.40
C5 FUL V . 31.36 -23.24 -0.05
C6 FUL V . 30.52 -22.83 1.17
O5 FUL V . 30.53 -23.15 -1.23
CA CA W . 3.45 -1.47 11.56
C1 FUL X . 21.48 -22.35 14.36
C2 FUL X . 21.36 -21.77 12.94
O2 FUL X . 19.99 -21.55 12.55
C3 FUL X . 22.12 -20.47 12.80
O3 FUL X . 22.17 -20.14 11.41
C4 FUL X . 23.53 -20.61 13.34
O4 FUL X . 24.24 -21.47 12.45
C5 FUL X . 23.52 -21.15 14.77
C6 FUL X . 24.94 -21.32 15.32
O5 FUL X . 22.83 -22.41 14.84
O1 FUL X . 20.93 -23.67 14.30
CA CA Y . 5.61 1.86 10.62
N1 BCN Z . 7.28 2.97 8.79
C1 BCN Z . 7.72 4.34 9.11
C2 BCN Z . 7.09 4.82 10.38
O21 BCN Z . 6.19 4.15 10.92
O22 BCN Z . 7.52 5.89 10.80
C3 BCN Z . 6.71 2.93 7.42
C4 BCN Z . 5.60 1.92 7.32
O4 BCN Z . 4.79 2.04 8.49
C5 BCN Z . 8.40 2.03 8.86
C6 BCN Z . 8.86 1.74 10.27
O6 BCN Z . 7.79 1.38 11.18
N1 BCN AA . 1.00 -2.39 11.76
C1 BCN AA . 0.95 -3.83 12.05
C2 BCN AA . 2.20 -4.37 12.65
O21 BCN AA . 2.14 -5.46 13.24
O22 BCN AA . 3.27 -3.75 12.53
C3 BCN AA . 0.30 -2.17 10.50
C4 BCN AA . 1.22 -2.40 9.32
O4 BCN AA . 2.34 -1.55 9.53
C5 BCN AA . 0.32 -1.59 12.77
C6 BCN AA . 1.06 -1.54 14.08
O6 BCN AA . 2.34 -0.94 13.90
N1 BCN BA . 7.03 -8.92 3.10
C1 BCN BA . 7.83 -8.68 4.35
C2 BCN BA . 7.65 -9.71 5.45
O21 BCN BA . 6.64 -10.40 5.48
O22 BCN BA . 8.53 -9.91 6.30
C3 BCN BA . 6.48 -7.66 2.61
C4 BCN BA . 5.16 -7.33 3.28
O4 BCN BA . 4.24 -8.41 3.09
C5 BCN BA . 7.82 -9.57 2.07
C6 BCN BA . 8.01 -11.04 2.35
O6 BCN BA . 6.76 -11.69 2.55
C1 FUL CA . 15.94 -14.06 -32.37
C2 FUL CA . 15.63 -14.77 -33.69
O2 FUL CA . 16.11 -13.97 -34.77
C3 FUL CA . 16.48 -16.03 -33.81
O3 FUL CA . 16.31 -16.62 -35.12
C4 FUL CA . 16.12 -16.95 -32.66
O4 FUL CA . 14.83 -17.51 -33.01
C5 FUL CA . 16.21 -16.20 -31.29
C6 FUL CA . 15.62 -16.94 -30.06
O5 FUL CA . 15.60 -14.92 -31.29
CA CA DA . 1.45 -11.81 2.20
C1 FUL EA . 18.61 -26.71 -4.86
C2 FUL EA . 20.05 -26.37 -5.08
O2 FUL EA . 20.83 -26.98 -4.07
C3 FUL EA . 20.46 -26.87 -6.44
O3 FUL EA . 21.84 -26.59 -6.64
C4 FUL EA . 19.61 -26.18 -7.52
O4 FUL EA . 19.96 -24.80 -7.57
C5 FUL EA . 18.14 -26.42 -7.19
C6 FUL EA . 17.17 -25.71 -8.14
O5 FUL EA . 17.84 -26.04 -5.85
O1 FUL EA . 18.28 -26.20 -3.57
N1 BCN FA . -1.19 -11.56 2.19
C1 BCN FA . -1.84 -12.01 0.94
C2 BCN FA . -1.00 -13.14 0.43
O21 BCN FA . -1.57 -14.17 -0.01
O22 BCN FA . 0.25 -12.96 0.52
C3 BCN FA . -1.57 -10.18 2.44
C4 BCN FA . -0.60 -9.24 1.75
O4 BCN FA . 0.75 -9.64 2.00
C5 BCN FA . -1.56 -12.48 3.29
C6 BCN FA . -0.55 -12.45 4.39
O6 BCN FA . 0.41 -13.51 4.38
CA CA GA . 5.01 -10.53 3.69
N1 BCN HA . 1.81 -7.35 -8.37
C1 BCN HA . 2.55 -8.61 -8.25
C2 BCN HA . 1.66 -9.78 -8.51
O21 BCN HA . 0.43 -9.60 -8.71
O22 BCN HA . 2.22 -10.89 -8.52
C3 BCN HA . 2.04 -6.51 -7.19
C4 BCN HA . 0.81 -5.65 -6.92
O4 BCN HA . -0.35 -6.46 -7.16
C5 BCN HA . 2.12 -6.69 -9.64
C6 BCN HA . 1.60 -7.47 -10.86
O6 BCN HA . 0.19 -7.27 -11.04
C1 FUL IA . 12.30 19.70 -30.48
C2 FUL IA . 13.00 20.40 -31.68
O2 FUL IA . 14.38 20.60 -31.37
C3 FUL IA . 12.94 19.61 -33.01
O3 FUL IA . 13.31 20.50 -34.08
C4 FUL IA . 11.59 18.96 -33.28
O4 FUL IA . 10.73 19.93 -33.88
C5 FUL IA . 10.88 18.40 -32.01
C6 FUL IA . 9.42 17.95 -32.33
O5 FUL IA . 10.96 19.33 -30.91
CA CA JA . -4.35 -6.13 -9.16
C1 FUL KA . 3.63 -9.06 -30.85
C2 FUL KA . 5.04 -9.12 -31.41
O2 FUL KA . 5.36 -10.44 -31.81
C3 FUL KA . 5.18 -8.12 -32.54
O3 FUL KA . 6.49 -8.13 -33.06
C4 FUL KA . 4.86 -6.74 -32.03
O4 FUL KA . 5.79 -6.33 -31.01
C5 FUL KA . 3.46 -6.76 -31.46
C6 FUL KA . 3.10 -5.41 -30.88
O5 FUL KA . 3.31 -7.75 -30.44
O1 FUL KA . 3.59 -9.87 -29.68
CA CA LA . -0.87 -7.80 -8.87
N1 BCN MA . -6.49 -5.23 -7.77
C1 BCN MA . -7.25 -4.26 -8.56
C2 BCN MA . -6.90 -4.44 -10.01
O21 BCN MA . -7.71 -3.96 -10.80
O22 BCN MA . -5.86 -5.06 -10.35
C3 BCN MA . -6.13 -4.57 -6.50
C4 BCN MA . -4.79 -3.87 -6.67
O4 BCN MA . -3.85 -4.79 -7.23
C5 BCN MA . -7.23 -6.46 -7.54
C6 BCN MA . -7.17 -7.44 -8.69
O6 BCN MA . -5.84 -7.94 -8.91
C1 FUL NA . -15.03 -32.15 15.41
C2 FUL NA . -14.69 -33.52 15.98
O2 FUL NA . -15.03 -33.60 17.36
C3 FUL NA . -15.51 -34.53 15.16
O3 FUL NA . -15.35 -35.85 15.67
C4 FUL NA . -15.09 -34.48 13.69
O4 FUL NA . -13.87 -35.21 13.52
C5 FUL NA . -14.98 -33.02 13.17
C6 FUL NA . -14.21 -32.97 11.86
O5 FUL NA . -14.36 -32.11 14.13
C1 FUL OA . -15.74 -24.76 -13.66
C2 FUL OA . -17.26 -24.86 -13.54
O2 FUL OA . -17.82 -24.75 -14.86
C3 FUL OA . -17.73 -26.13 -12.84
O3 FUL OA . -19.14 -25.98 -12.62
C4 FUL OA . -16.94 -26.29 -11.56
O4 FUL OA . -17.29 -25.20 -10.70
C5 FUL OA . -15.43 -26.25 -11.77
C6 FUL OA . -14.64 -26.28 -10.47
O5 FUL OA . -15.06 -25.04 -12.42
O1 FUL OA . -15.46 -23.40 -14.03
C1 FUL PA . -12.94 -4.84 35.92
C2 FUL PA . -13.65 -5.11 37.26
O2 FUL PA . -15.05 -4.87 37.14
C3 FUL PA . -13.55 -6.57 37.73
O3 FUL PA . -14.07 -6.62 39.05
C4 FUL PA . -12.16 -7.16 37.62
O4 FUL PA . -11.31 -6.74 38.70
C5 FUL PA . -11.63 -6.75 36.22
C6 FUL PA . -10.25 -7.32 35.99
O5 FUL PA . -11.60 -5.34 36.01
C1 FUL QA . -3.06 -26.98 17.94
C2 FUL QA . -4.44 -27.68 18.06
O2 FUL QA . -4.42 -29.00 17.46
C3 FUL QA . -4.82 -27.77 19.55
O3 FUL QA . -6.16 -28.32 19.74
C4 FUL QA . -4.72 -26.39 20.20
O4 FUL QA . -5.73 -25.54 19.69
C5 FUL QA . -3.35 -25.77 19.97
C6 FUL QA . -3.26 -24.38 20.56
O5 FUL QA . -3.08 -25.70 18.55
O1 FUL QA . -2.74 -26.77 16.58
C1 FUL RA . -3.44 4.35 32.37
C2 FUL RA . -4.76 3.87 32.92
O2 FUL RA . -4.42 2.96 33.93
C3 FUL RA . -5.51 5.04 33.50
O3 FUL RA . -6.72 4.58 34.07
C4 FUL RA . -5.76 6.08 32.41
O4 FUL RA . -6.68 5.61 31.40
C5 FUL RA . -4.41 6.42 31.77
C6 FUL RA . -4.58 7.35 30.57
O5 FUL RA . -3.71 5.25 31.31
O1 FUL RA . -2.73 3.20 31.90
C1 FUL SA . -16.78 26.95 9.04
C2 FUL SA . -17.91 26.65 10.01
O2 FUL SA . -17.58 27.24 11.26
C3 FUL SA . -19.21 27.19 9.42
O3 FUL SA . -20.33 26.99 10.28
C4 FUL SA . -19.43 26.48 8.09
O4 FUL SA . -19.72 25.10 8.32
C5 FUL SA . -18.18 26.69 7.18
C6 FUL SA . -18.29 25.94 5.86
O5 FUL SA . -16.99 26.27 7.82
O1 FUL SA . -15.59 26.44 9.61
C1 FUL TA . -24.98 8.16 -19.45
C2 FUL TA . -26.25 8.59 -18.75
O2 FUL TA . -26.59 9.95 -19.05
C3 FUL TA . -27.36 7.65 -19.23
O3 FUL TA . -28.58 7.96 -18.55
C4 FUL TA . -26.94 6.22 -18.95
O4 FUL TA . -26.85 6.03 -17.55
C5 FUL TA . -25.59 5.90 -19.57
C6 FUL TA . -25.04 4.50 -19.26
O5 FUL TA . -24.65 6.85 -19.06
O1 FUL TA . -23.83 8.94 -19.16
#